data_1VAM
#
_entry.id   1VAM
#
_cell.length_a   135.190
_cell.length_b   155.380
_cell.length_c   71.250
_cell.angle_alpha   90.00
_cell.angle_beta   90.00
_cell.angle_gamma   90.00
#
_symmetry.space_group_name_H-M   'P 21 21 2'
#
loop_
_entity.id
_entity.type
_entity.pdbx_description
1 polymer 'CONCANAVALIN A'
2 non-polymer '4-nitrophenyl alpha-D-mannopyranoside'
3 non-polymer 'MANGANESE (II) ION'
4 non-polymer 'CALCIUM ION'
5 water water
#
_entity_poly.entity_id   1
_entity_poly.type   'polypeptide(L)'
_entity_poly.pdbx_seq_one_letter_code
;ADTIVAVELDTYPNTDIGDPSYPHIGIDIKSVRSKKTAKWNMQNGKVGTAHIIYNSVDKRLSAVVSYPNADSATVSYDVD
LDNVLPEWVRVGLSASTGLYKETNTILSWSFTSKLKSNSTHETNALHFMFNQFSKDQKDLILQGDATTGTDGNLELTRVS
SNGSPQGSSVGRALFYAPVHIWESSAVVASFEATFTFLIKSPDSHPADGIAFFISNIDSSIPSGSTGRLLGLFPDAN
;
_entity_poly.pdbx_strand_id   A,B,C,D
#
loop_
_chem_comp.id
_chem_comp.type
_chem_comp.name
_chem_comp.formula
CA non-polymer 'CALCIUM ION' 'Ca 2'
MN non-polymer 'MANGANESE (II) ION' 'Mn 2'
PNA D-saccharide '4-nitrophenyl alpha-D-mannopyranoside' 'C12 H15 N O8'
#
# COMPACT_ATOMS: atom_id res chain seq x y z
N ALA A 1 -12.94 -19.87 -28.23
CA ALA A 1 -12.20 -18.58 -28.37
C ALA A 1 -11.57 -18.27 -27.02
N ASP A 2 -11.41 -16.99 -26.73
CA ASP A 2 -10.83 -16.58 -25.46
C ASP A 2 -11.95 -16.46 -24.43
N THR A 3 -11.60 -16.53 -23.15
CA THR A 3 -12.58 -16.35 -22.11
C THR A 3 -12.51 -14.87 -21.77
N ILE A 4 -13.66 -14.23 -21.62
CA ILE A 4 -13.71 -12.80 -21.34
C ILE A 4 -14.73 -12.47 -20.27
N VAL A 5 -14.32 -11.58 -19.36
CA VAL A 5 -15.17 -11.06 -18.31
C VAL A 5 -14.86 -9.58 -18.44
N ALA A 6 -15.88 -8.77 -18.71
CA ALA A 6 -15.61 -7.37 -18.90
C ALA A 6 -16.64 -6.44 -18.34
N VAL A 7 -16.23 -5.20 -18.15
CA VAL A 7 -17.08 -4.14 -17.65
C VAL A 7 -17.08 -3.13 -18.79
N GLU A 8 -18.20 -3.02 -19.51
CA GLU A 8 -18.31 -2.12 -20.64
C GLU A 8 -18.97 -0.77 -20.37
N LEU A 9 -18.35 0.26 -20.94
CA LEU A 9 -18.82 1.63 -20.89
C LEU A 9 -19.25 1.80 -22.35
N ASP A 10 -20.50 1.43 -22.63
CA ASP A 10 -21.10 1.47 -23.97
C ASP A 10 -21.72 2.82 -24.33
N THR A 11 -21.17 3.47 -25.35
CA THR A 11 -21.63 4.78 -25.79
C THR A 11 -22.70 4.78 -26.90
N TYR A 12 -22.94 3.63 -27.52
CA TYR A 12 -23.89 3.58 -28.61
C TYR A 12 -24.78 2.33 -28.55
N PRO A 13 -26.09 2.55 -28.38
CA PRO A 13 -27.11 1.49 -28.30
C PRO A 13 -27.31 0.68 -29.56
N ASN A 14 -26.74 -0.52 -29.55
CA ASN A 14 -26.86 -1.48 -30.63
C ASN A 14 -28.01 -2.39 -30.20
N THR A 15 -29.21 -1.83 -30.24
CA THR A 15 -30.43 -2.51 -29.81
C THR A 15 -30.68 -3.89 -30.46
N ASP A 16 -29.93 -4.18 -31.51
CA ASP A 16 -30.09 -5.47 -32.19
C ASP A 16 -29.43 -6.61 -31.41
N ILE A 17 -28.55 -6.28 -30.47
CA ILE A 17 -27.85 -7.28 -29.66
C ILE A 17 -28.15 -7.22 -28.15
N GLY A 18 -29.21 -6.50 -27.80
CA GLY A 18 -29.60 -6.38 -26.40
C GLY A 18 -29.45 -4.99 -25.84
N ASP A 19 -28.56 -4.20 -26.42
CA ASP A 19 -28.34 -2.85 -25.93
C ASP A 19 -29.59 -2.06 -25.65
N PRO A 20 -29.67 -1.46 -24.45
CA PRO A 20 -30.85 -0.65 -24.10
C PRO A 20 -30.82 0.66 -24.93
N SER A 21 -31.96 1.36 -24.98
CA SER A 21 -32.08 2.58 -25.76
C SER A 21 -31.28 3.79 -25.29
N TYR A 22 -30.12 3.58 -24.68
CA TYR A 22 -29.29 4.68 -24.20
C TYR A 22 -27.90 4.18 -23.89
N PRO A 23 -26.92 5.10 -23.80
CA PRO A 23 -25.56 4.66 -23.48
C PRO A 23 -25.61 4.07 -22.08
N HIS A 24 -24.89 2.97 -21.86
CA HIS A 24 -24.94 2.29 -20.57
C HIS A 24 -23.62 1.72 -20.07
N ILE A 25 -23.69 1.19 -18.85
CA ILE A 25 -22.58 0.54 -18.16
C ILE A 25 -23.07 -0.91 -18.14
N GLY A 26 -22.18 -1.87 -18.32
CA GLY A 26 -22.64 -3.25 -18.33
C GLY A 26 -21.58 -4.21 -17.89
N ILE A 27 -22.01 -5.40 -17.48
CA ILE A 27 -21.10 -6.44 -17.02
C ILE A 27 -21.27 -7.59 -17.98
N ASP A 28 -20.25 -7.83 -18.81
CA ASP A 28 -20.27 -8.90 -19.81
C ASP A 28 -19.49 -10.11 -19.36
N ILE A 29 -20.15 -11.26 -19.32
CA ILE A 29 -19.51 -12.50 -18.91
C ILE A 29 -19.61 -13.53 -20.04
N LYS A 30 -18.54 -13.66 -20.81
CA LYS A 30 -18.44 -14.58 -21.94
C LYS A 30 -19.34 -14.24 -23.12
N SER A 31 -19.93 -13.04 -23.13
CA SER A 31 -20.79 -12.64 -24.22
C SER A 31 -20.97 -11.14 -24.25
N VAL A 32 -21.21 -10.61 -25.46
CA VAL A 32 -21.39 -9.16 -25.65
C VAL A 32 -22.76 -8.72 -25.16
N ARG A 33 -23.63 -9.68 -24.87
CA ARG A 33 -24.97 -9.39 -24.37
C ARG A 33 -24.89 -9.39 -22.83
N SER A 34 -24.76 -8.20 -22.24
CA SER A 34 -24.63 -8.02 -20.78
C SER A 34 -25.62 -8.78 -19.88
N LYS A 35 -25.10 -9.25 -18.74
CA LYS A 35 -25.90 -9.96 -17.75
C LYS A 35 -26.68 -8.94 -16.92
N LYS A 36 -26.15 -7.73 -16.84
CA LYS A 36 -26.79 -6.64 -16.12
C LYS A 36 -26.21 -5.32 -16.62
N THR A 37 -27.07 -4.32 -16.80
CA THR A 37 -26.67 -3.00 -17.29
C THR A 37 -27.28 -1.92 -16.41
N ALA A 38 -26.92 -0.67 -16.66
CA ALA A 38 -27.45 0.46 -15.89
C ALA A 38 -27.27 1.72 -16.72
N LYS A 39 -28.29 2.58 -16.73
CA LYS A 39 -28.22 3.80 -17.51
C LYS A 39 -27.01 4.57 -17.06
N TRP A 40 -26.35 5.21 -18.01
CA TRP A 40 -25.17 6.02 -17.74
C TRP A 40 -25.33 7.29 -18.54
N ASN A 41 -25.19 8.43 -17.89
CA ASN A 41 -25.33 9.72 -18.57
C ASN A 41 -23.99 10.05 -19.20
N MET A 42 -23.67 9.34 -20.29
CA MET A 42 -22.43 9.54 -21.02
C MET A 42 -22.31 11.05 -21.22
N GLN A 43 -21.29 11.65 -20.63
CA GLN A 43 -21.12 13.09 -20.74
C GLN A 43 -19.89 13.49 -21.58
N ASN A 44 -20.10 13.43 -22.89
CA ASN A 44 -19.10 13.74 -23.91
C ASN A 44 -18.21 14.97 -23.64
N GLY A 45 -16.92 14.83 -23.94
CA GLY A 45 -15.97 15.92 -23.78
C GLY A 45 -15.16 16.05 -22.51
N LYS A 46 -15.63 15.44 -21.42
CA LYS A 46 -14.92 15.53 -20.14
C LYS A 46 -14.36 14.23 -19.59
N VAL A 47 -13.50 14.37 -18.58
CA VAL A 47 -12.84 13.23 -17.93
C VAL A 47 -13.70 12.53 -16.88
N GLY A 48 -13.82 11.21 -17.01
CA GLY A 48 -14.61 10.45 -16.05
C GLY A 48 -13.70 9.44 -15.39
N THR A 49 -14.16 8.84 -14.30
CA THR A 49 -13.39 7.85 -13.55
C THR A 49 -14.23 6.60 -13.37
N ALA A 50 -13.64 5.43 -13.54
CA ALA A 50 -14.37 4.20 -13.34
C ALA A 50 -13.66 3.44 -12.23
N HIS A 51 -14.42 2.70 -11.43
CA HIS A 51 -13.89 1.88 -10.34
C HIS A 51 -14.54 0.50 -10.46
N ILE A 52 -13.74 -0.55 -10.53
CA ILE A 52 -14.22 -1.92 -10.60
C ILE A 52 -13.73 -2.64 -9.33
N ILE A 53 -14.59 -3.40 -8.67
CA ILE A 53 -14.20 -4.11 -7.46
C ILE A 53 -14.81 -5.49 -7.46
N TYR A 54 -14.10 -6.47 -6.93
CA TYR A 54 -14.59 -7.84 -6.84
C TYR A 54 -13.98 -8.58 -5.64
N ASN A 55 -14.77 -9.34 -4.89
CA ASN A 55 -14.24 -10.15 -3.78
C ASN A 55 -14.97 -11.47 -3.70
N SER A 56 -14.22 -12.52 -3.41
CA SER A 56 -14.79 -13.85 -3.39
C SER A 56 -15.63 -14.22 -2.20
N VAL A 57 -15.63 -13.39 -1.15
CA VAL A 57 -16.44 -13.68 0.04
C VAL A 57 -17.91 -13.59 -0.37
N ASP A 58 -18.31 -12.45 -0.94
CA ASP A 58 -19.68 -12.29 -1.38
C ASP A 58 -19.86 -12.45 -2.89
N LYS A 59 -18.83 -12.93 -3.59
CA LYS A 59 -18.84 -13.16 -5.05
C LYS A 59 -19.57 -12.08 -5.85
N ARG A 60 -19.32 -10.80 -5.57
CA ARG A 60 -19.98 -9.76 -6.34
C ARG A 60 -19.08 -8.83 -7.15
N LEU A 61 -19.29 -8.81 -8.47
CA LEU A 61 -18.53 -7.92 -9.35
C LEU A 61 -19.29 -6.58 -9.38
N SER A 62 -18.62 -5.49 -9.03
CA SER A 62 -19.25 -4.17 -9.02
C SER A 62 -18.47 -3.05 -9.73
N ALA A 63 -19.22 -2.13 -10.32
CA ALA A 63 -18.63 -1.02 -11.03
C ALA A 63 -19.35 0.28 -10.72
N VAL A 64 -18.63 1.38 -10.87
CA VAL A 64 -19.13 2.73 -10.63
C VAL A 64 -18.37 3.67 -11.54
N VAL A 65 -19.10 4.38 -12.40
CA VAL A 65 -18.52 5.36 -13.31
C VAL A 65 -19.10 6.66 -12.79
N SER A 66 -18.29 7.70 -12.70
CA SER A 66 -18.77 8.96 -12.20
C SER A 66 -18.02 10.10 -12.84
N TYR A 67 -18.71 11.23 -12.97
CA TYR A 67 -18.11 12.45 -13.52
C TYR A 67 -18.06 13.38 -12.33
N PRO A 68 -17.15 14.36 -12.32
CA PRO A 68 -17.11 15.25 -11.16
C PRO A 68 -18.38 16.08 -11.02
N ASN A 69 -18.81 16.23 -9.77
CA ASN A 69 -20.01 17.00 -9.41
C ASN A 69 -21.24 16.65 -10.25
N ALA A 70 -21.39 15.37 -10.55
CA ALA A 70 -22.51 14.87 -11.34
C ALA A 70 -22.99 13.54 -10.75
N ASP A 71 -23.79 12.80 -11.53
CA ASP A 71 -24.32 11.53 -11.06
C ASP A 71 -23.46 10.33 -11.39
N SER A 72 -23.58 9.29 -10.58
CA SER A 72 -22.80 8.08 -10.76
C SER A 72 -23.64 6.91 -11.21
N ALA A 73 -23.16 6.20 -12.23
CA ALA A 73 -23.85 5.02 -12.69
C ALA A 73 -23.22 3.93 -11.83
N THR A 74 -23.95 2.85 -11.58
CA THR A 74 -23.46 1.75 -10.74
C THR A 74 -24.10 0.45 -11.19
N VAL A 75 -23.37 -0.64 -11.06
CA VAL A 75 -23.91 -1.94 -11.44
C VAL A 75 -23.17 -3.01 -10.65
N SER A 76 -23.88 -4.05 -10.24
CA SER A 76 -23.29 -5.15 -9.50
C SER A 76 -23.90 -6.41 -10.05
N TYR A 77 -23.22 -7.53 -9.89
CA TYR A 77 -23.73 -8.77 -10.40
C TYR A 77 -22.98 -9.86 -9.65
N ASP A 78 -23.72 -10.82 -9.13
CA ASP A 78 -23.12 -11.90 -8.37
C ASP A 78 -22.63 -12.96 -9.33
N VAL A 79 -21.32 -13.16 -9.31
CA VAL A 79 -20.66 -14.15 -10.16
C VAL A 79 -19.45 -14.77 -9.46
N ASP A 80 -19.35 -16.08 -9.55
CA ASP A 80 -18.24 -16.83 -8.94
C ASP A 80 -17.19 -17.01 -10.02
N LEU A 81 -16.25 -16.07 -10.11
CA LEU A 81 -15.23 -16.13 -11.14
C LEU A 81 -14.50 -17.46 -11.25
N ASP A 82 -14.35 -18.16 -10.12
CA ASP A 82 -13.65 -19.46 -10.12
C ASP A 82 -14.22 -20.37 -11.20
N ASN A 83 -15.54 -20.34 -11.37
CA ASN A 83 -16.21 -21.19 -12.34
C ASN A 83 -16.06 -20.71 -13.77
N VAL A 84 -15.87 -19.41 -13.97
CA VAL A 84 -15.76 -18.85 -15.32
C VAL A 84 -14.39 -18.54 -15.90
N LEU A 85 -13.39 -18.26 -15.05
CA LEU A 85 -12.05 -17.91 -15.53
C LEU A 85 -10.92 -18.88 -15.21
N PRO A 86 -9.87 -18.91 -16.06
CA PRO A 86 -8.76 -19.81 -15.78
C PRO A 86 -7.99 -19.18 -14.62
N GLU A 87 -7.27 -20.01 -13.85
CA GLU A 87 -6.51 -19.56 -12.69
C GLU A 87 -5.55 -18.38 -12.98
N TRP A 88 -4.85 -18.45 -14.11
CA TRP A 88 -3.95 -17.38 -14.51
C TRP A 88 -4.56 -16.59 -15.68
N VAL A 89 -4.39 -15.27 -15.67
CA VAL A 89 -4.97 -14.45 -16.74
C VAL A 89 -4.11 -13.23 -16.98
N ARG A 90 -4.58 -12.35 -17.84
CA ARG A 90 -3.93 -11.07 -18.13
C ARG A 90 -5.10 -10.12 -18.02
N VAL A 91 -4.85 -8.88 -17.65
CA VAL A 91 -5.91 -7.89 -17.54
C VAL A 91 -5.64 -6.78 -18.56
N GLY A 92 -6.64 -5.99 -18.94
CA GLY A 92 -6.35 -4.94 -19.89
C GLY A 92 -7.54 -4.08 -20.24
N LEU A 93 -7.28 -3.06 -21.05
CA LEU A 93 -8.30 -2.12 -21.51
C LEU A 93 -8.53 -2.26 -23.03
N SER A 94 -9.78 -2.17 -23.47
CA SER A 94 -10.11 -2.27 -24.89
C SER A 94 -10.98 -1.11 -25.31
N ALA A 95 -11.18 -0.94 -26.62
CA ALA A 95 -12.01 0.16 -27.15
C ALA A 95 -12.15 0.10 -28.68
N SER A 96 -13.24 0.65 -29.21
CA SER A 96 -13.44 0.63 -30.64
C SER A 96 -14.40 1.66 -31.14
N THR A 97 -14.36 1.87 -32.46
CA THR A 97 -15.26 2.79 -33.16
C THR A 97 -15.79 2.00 -34.36
N GLY A 98 -16.84 2.51 -35.01
CA GLY A 98 -17.39 1.81 -36.17
C GLY A 98 -17.75 2.86 -37.19
N LEU A 99 -19.01 2.85 -37.63
CA LEU A 99 -19.50 3.85 -38.58
C LEU A 99 -19.36 5.19 -37.88
N TYR A 100 -19.69 5.22 -36.58
CA TYR A 100 -19.57 6.43 -35.76
C TYR A 100 -18.28 6.36 -34.95
N LYS A 101 -17.80 7.51 -34.49
CA LYS A 101 -16.54 7.53 -33.77
C LYS A 101 -16.50 8.41 -32.53
N GLU A 102 -15.40 8.31 -31.79
CA GLU A 102 -15.16 9.07 -30.56
C GLU A 102 -13.71 8.79 -30.17
N THR A 103 -13.10 9.68 -29.38
CA THR A 103 -11.72 9.43 -28.93
C THR A 103 -11.82 8.59 -27.64
N ASN A 104 -11.13 7.45 -27.60
CA ASN A 104 -11.12 6.59 -26.41
C ASN A 104 -9.80 6.74 -25.66
N THR A 105 -9.62 7.88 -25.01
CA THR A 105 -8.40 8.20 -24.28
C THR A 105 -8.37 7.74 -22.81
N ILE A 106 -7.23 7.16 -22.40
CA ILE A 106 -7.02 6.70 -21.04
C ILE A 106 -5.93 7.58 -20.45
N LEU A 107 -6.16 8.16 -19.28
CA LEU A 107 -5.19 9.06 -18.67
C LEU A 107 -4.48 8.52 -17.43
N SER A 108 -4.84 7.32 -16.99
CA SER A 108 -4.23 6.73 -15.83
C SER A 108 -4.95 5.42 -15.58
N TRP A 109 -4.22 4.39 -15.17
CA TRP A 109 -4.81 3.08 -14.93
C TRP A 109 -4.17 2.46 -13.68
N SER A 110 -4.99 1.86 -12.81
CA SER A 110 -4.51 1.23 -11.58
C SER A 110 -5.11 -0.13 -11.40
N PHE A 111 -4.40 -0.99 -10.70
CA PHE A 111 -4.91 -2.34 -10.47
C PHE A 111 -4.23 -2.99 -9.27
N THR A 112 -5.00 -3.78 -8.54
CA THR A 112 -4.49 -4.48 -7.37
C THR A 112 -5.16 -5.83 -7.30
N SER A 113 -4.36 -6.86 -7.04
CA SER A 113 -4.86 -8.21 -6.90
C SER A 113 -4.33 -8.82 -5.62
N LYS A 114 -5.18 -9.54 -4.92
CA LYS A 114 -4.76 -10.15 -3.68
C LYS A 114 -5.31 -11.55 -3.47
N LEU A 115 -4.47 -12.37 -2.87
CA LEU A 115 -4.80 -13.74 -2.56
C LEU A 115 -4.39 -13.97 -1.10
N LYS A 116 -5.36 -13.99 -0.19
CA LYS A 116 -5.08 -14.25 1.22
C LYS A 116 -5.36 -15.73 1.49
N SER A 117 -4.43 -16.39 2.17
CA SER A 117 -4.53 -17.81 2.44
C SER A 117 -5.03 -18.20 3.84
N ASN A 118 -5.22 -19.52 4.03
CA ASN A 118 -5.66 -20.07 5.31
C ASN A 118 -4.54 -19.90 6.33
N SER A 119 -3.30 -20.02 5.86
CA SER A 119 -2.12 -19.87 6.70
C SER A 119 -1.87 -18.40 7.06
N THR A 120 -1.72 -18.15 8.36
CA THR A 120 -1.50 -16.81 8.88
C THR A 120 -0.34 -16.05 8.23
N HIS A 121 -0.64 -14.86 7.74
CA HIS A 121 0.28 -13.94 7.06
C HIS A 121 0.44 -14.21 5.57
N GLU A 122 0.14 -15.42 5.14
CA GLU A 122 0.27 -15.74 3.73
C GLU A 122 -0.68 -14.93 2.86
N THR A 123 -0.10 -14.07 2.02
CA THR A 123 -0.85 -13.22 1.11
C THR A 123 0.00 -12.90 -0.09
N ASN A 124 -0.55 -13.14 -1.27
CA ASN A 124 0.13 -12.86 -2.52
C ASN A 124 -0.54 -11.65 -3.15
N ALA A 125 0.25 -10.66 -3.56
CA ALA A 125 -0.31 -9.47 -4.16
C ALA A 125 0.45 -8.92 -5.36
N LEU A 126 -0.26 -8.15 -6.19
CA LEU A 126 0.27 -7.50 -7.38
C LEU A 126 -0.38 -6.15 -7.50
N HIS A 127 0.41 -5.14 -7.80
CA HIS A 127 -0.14 -3.81 -7.93
C HIS A 127 0.69 -2.97 -8.86
N PHE A 128 0.05 -2.36 -9.85
CA PHE A 128 0.73 -1.46 -10.77
C PHE A 128 -0.11 -0.19 -10.88
N MET A 129 0.53 0.93 -11.16
CA MET A 129 -0.18 2.19 -11.27
C MET A 129 0.46 3.12 -12.31
N PHE A 130 -0.26 3.42 -13.39
CA PHE A 130 0.25 4.29 -14.45
C PHE A 130 -0.45 5.63 -14.39
N ASN A 131 0.29 6.70 -14.14
CA ASN A 131 -0.29 8.04 -14.12
C ASN A 131 0.24 8.83 -15.32
N GLN A 132 1.21 8.26 -16.00
CA GLN A 132 1.82 8.85 -17.19
C GLN A 132 2.30 7.69 -18.03
N PHE A 133 1.87 7.63 -19.30
CA PHE A 133 2.36 6.56 -20.16
C PHE A 133 3.44 7.16 -21.07
N SER A 134 4.57 6.46 -21.17
CA SER A 134 5.67 6.93 -22.00
C SER A 134 5.47 6.47 -23.43
N LYS A 135 6.31 6.95 -24.33
CA LYS A 135 6.22 6.56 -25.72
C LYS A 135 6.59 5.09 -25.92
N ASP A 136 7.41 4.54 -25.02
CA ASP A 136 7.80 3.14 -25.16
C ASP A 136 7.50 2.40 -23.85
N GLN A 137 6.21 2.23 -23.57
CA GLN A 137 5.76 1.59 -22.36
C GLN A 137 6.05 0.11 -22.48
N LYS A 138 7.26 -0.30 -22.13
CA LYS A 138 7.67 -1.69 -22.26
C LYS A 138 6.92 -2.72 -21.44
N ASP A 139 6.17 -2.30 -20.43
CA ASP A 139 5.41 -3.25 -19.60
C ASP A 139 3.94 -3.44 -20.03
N LEU A 140 3.57 -2.88 -21.17
CA LEU A 140 2.23 -2.97 -21.72
C LEU A 140 2.21 -3.58 -23.11
N ILE A 141 1.36 -4.58 -23.32
CA ILE A 141 1.21 -5.21 -24.63
C ILE A 141 0.16 -4.42 -25.41
N LEU A 142 0.58 -3.58 -26.36
CA LEU A 142 -0.35 -2.80 -27.16
C LEU A 142 -0.83 -3.59 -28.36
N GLN A 143 -2.13 -3.87 -28.41
CA GLN A 143 -2.69 -4.60 -29.51
C GLN A 143 -3.55 -3.68 -30.39
N GLY A 144 -3.59 -3.95 -31.69
CA GLY A 144 -4.39 -3.13 -32.57
C GLY A 144 -3.84 -1.76 -32.89
N ASP A 145 -4.72 -0.77 -32.87
CA ASP A 145 -4.37 0.63 -33.16
C ASP A 145 -4.00 1.38 -31.91
N ALA A 146 -3.90 0.67 -30.80
CA ALA A 146 -3.58 1.27 -29.52
C ALA A 146 -2.16 1.80 -29.50
N THR A 147 -1.95 3.00 -28.98
CA THR A 147 -0.62 3.57 -28.90
C THR A 147 -0.51 4.39 -27.63
N THR A 148 0.72 4.60 -27.14
CA THR A 148 0.97 5.40 -25.94
C THR A 148 1.88 6.58 -26.28
N GLY A 149 2.01 7.54 -25.36
CA GLY A 149 2.90 8.67 -25.59
C GLY A 149 2.27 10.03 -25.75
N THR A 150 1.19 10.10 -26.50
CA THR A 150 0.48 11.36 -26.77
C THR A 150 -0.02 12.11 -25.53
N ASP A 151 0.71 13.13 -25.12
CA ASP A 151 0.38 13.91 -23.92
C ASP A 151 0.58 13.03 -22.71
N GLY A 152 1.30 11.94 -22.90
CA GLY A 152 1.51 11.02 -21.80
C GLY A 152 0.29 10.14 -21.59
N ASN A 153 -0.63 10.14 -22.55
CA ASN A 153 -1.85 9.33 -22.48
C ASN A 153 -1.78 8.08 -23.33
N LEU A 154 -2.74 7.19 -23.10
CA LEU A 154 -2.88 5.94 -23.85
C LEU A 154 -4.10 6.05 -24.77
N GLU A 155 -3.85 6.09 -26.07
CA GLU A 155 -4.90 6.15 -27.08
C GLU A 155 -5.26 4.73 -27.51
N LEU A 156 -6.48 4.33 -27.20
CA LEU A 156 -6.91 2.98 -27.57
C LEU A 156 -7.25 2.79 -29.05
N THR A 157 -7.82 3.80 -29.68
CA THR A 157 -8.18 3.72 -31.09
C THR A 157 -7.54 4.91 -31.83
N ARG A 158 -7.39 4.79 -33.16
CA ARG A 158 -6.76 5.82 -33.97
C ARG A 158 -7.38 7.21 -33.97
N VAL A 159 -6.50 8.20 -33.79
CA VAL A 159 -6.84 9.63 -33.77
C VAL A 159 -5.86 10.32 -34.74
N SER A 160 -6.26 11.46 -35.30
CA SER A 160 -5.43 12.19 -36.24
C SER A 160 -4.65 13.37 -35.63
N SER A 161 -3.65 13.84 -36.38
CA SER A 161 -2.76 14.94 -35.98
C SER A 161 -3.51 16.13 -35.41
N ASN A 162 -4.68 16.39 -35.98
CA ASN A 162 -5.52 17.50 -35.54
C ASN A 162 -6.19 17.16 -34.21
N GLY A 163 -6.56 15.89 -34.06
CA GLY A 163 -7.21 15.43 -32.86
C GLY A 163 -8.47 14.66 -33.19
N SER A 164 -8.83 14.61 -34.47
CA SER A 164 -10.05 13.91 -34.87
C SER A 164 -9.94 12.38 -34.87
N PRO A 165 -10.91 11.69 -34.22
CA PRO A 165 -11.01 10.23 -34.10
C PRO A 165 -11.46 9.59 -35.39
N GLN A 166 -10.90 8.43 -35.69
CA GLN A 166 -11.25 7.72 -36.92
C GLN A 166 -12.14 6.53 -36.64
N GLY A 167 -13.07 6.27 -37.56
CA GLY A 167 -14.00 5.17 -37.41
C GLY A 167 -13.39 3.82 -37.69
N SER A 168 -14.07 2.75 -37.30
CA SER A 168 -13.60 1.39 -37.52
C SER A 168 -12.20 1.09 -36.99
N SER A 169 -11.93 1.46 -35.74
CA SER A 169 -10.63 1.23 -35.15
C SER A 169 -10.74 0.23 -33.99
N VAL A 170 -9.64 -0.41 -33.62
CA VAL A 170 -9.60 -1.35 -32.50
C VAL A 170 -8.23 -1.42 -31.87
N GLY A 171 -8.16 -1.06 -30.60
CA GLY A 171 -6.90 -1.10 -29.87
C GLY A 171 -7.09 -1.78 -28.53
N ARG A 172 -5.99 -2.24 -27.94
CA ARG A 172 -6.03 -2.91 -26.65
C ARG A 172 -4.72 -2.66 -25.92
N ALA A 173 -4.74 -2.81 -24.60
CA ALA A 173 -3.55 -2.63 -23.78
C ALA A 173 -3.61 -3.67 -22.68
N LEU A 174 -2.72 -4.65 -22.73
CA LEU A 174 -2.67 -5.67 -21.69
C LEU A 174 -1.41 -5.52 -20.87
N PHE A 175 -1.50 -5.57 -19.54
CA PHE A 175 -0.29 -5.45 -18.70
C PHE A 175 0.52 -6.69 -19.00
N TYR A 176 1.82 -6.51 -19.19
CA TYR A 176 2.73 -7.59 -19.54
C TYR A 176 2.69 -8.86 -18.68
N ALA A 177 2.74 -8.71 -17.35
CA ALA A 177 2.77 -9.87 -16.46
C ALA A 177 1.44 -10.58 -16.21
N PRO A 178 1.45 -11.93 -16.16
CA PRO A 178 0.24 -12.71 -15.91
C PRO A 178 -0.22 -12.54 -14.45
N VAL A 179 -1.53 -12.52 -14.26
CA VAL A 179 -2.16 -12.35 -12.96
C VAL A 179 -2.78 -13.66 -12.50
N HIS A 180 -2.55 -13.98 -11.24
CA HIS A 180 -3.09 -15.19 -10.59
C HIS A 180 -4.41 -14.73 -9.98
N ILE A 181 -5.47 -14.79 -10.77
CA ILE A 181 -6.77 -14.30 -10.33
C ILE A 181 -7.45 -15.11 -9.24
N TRP A 182 -7.10 -16.39 -9.12
CA TRP A 182 -7.67 -17.21 -8.06
C TRP A 182 -6.80 -18.41 -7.77
N GLU A 183 -7.02 -19.03 -6.62
CA GLU A 183 -6.25 -20.18 -6.17
C GLU A 183 -7.17 -20.91 -5.22
N SER A 184 -7.23 -22.23 -5.31
CA SER A 184 -8.11 -23.00 -4.44
C SER A 184 -7.79 -22.85 -2.94
N SER A 185 -6.51 -22.75 -2.62
CA SER A 185 -6.06 -22.62 -1.23
C SER A 185 -6.16 -21.20 -0.66
N ALA A 186 -6.99 -20.34 -1.27
CA ALA A 186 -7.12 -18.97 -0.81
C ALA A 186 -8.49 -18.72 -0.16
N VAL A 187 -8.45 -18.13 1.03
CA VAL A 187 -9.65 -17.80 1.81
C VAL A 187 -10.31 -16.56 1.23
N VAL A 188 -9.49 -15.61 0.79
CA VAL A 188 -10.00 -14.38 0.19
C VAL A 188 -9.21 -14.01 -1.08
N ALA A 189 -9.94 -13.80 -2.18
CA ALA A 189 -9.38 -13.42 -3.49
C ALA A 189 -10.09 -12.16 -3.97
N SER A 190 -9.35 -11.11 -4.26
CA SER A 190 -10.01 -9.89 -4.66
C SER A 190 -9.20 -9.03 -5.59
N PHE A 191 -9.87 -8.06 -6.20
CA PHE A 191 -9.24 -7.11 -7.11
C PHE A 191 -10.04 -5.83 -7.24
N GLU A 192 -9.34 -4.74 -7.49
CA GLU A 192 -9.94 -3.45 -7.68
C GLU A 192 -9.17 -2.84 -8.84
N ALA A 193 -9.85 -2.12 -9.72
CA ALA A 193 -9.22 -1.47 -10.88
C ALA A 193 -9.82 -0.10 -10.98
N THR A 194 -9.03 0.88 -11.41
CA THR A 194 -9.52 2.24 -11.54
C THR A 194 -8.84 2.91 -12.73
N PHE A 195 -9.60 3.68 -13.52
CA PHE A 195 -9.04 4.38 -14.67
C PHE A 195 -9.81 5.63 -15.07
N THR A 196 -9.08 6.67 -15.47
CA THR A 196 -9.72 7.92 -15.90
C THR A 196 -9.65 7.96 -17.42
N PHE A 197 -10.75 8.38 -18.04
CA PHE A 197 -10.84 8.42 -19.47
C PHE A 197 -11.40 9.74 -19.95
N LEU A 198 -11.26 9.97 -21.26
CA LEU A 198 -11.73 11.17 -21.91
C LEU A 198 -12.27 10.80 -23.29
N ILE A 199 -13.60 10.80 -23.39
CA ILE A 199 -14.30 10.50 -24.61
C ILE A 199 -14.89 11.77 -25.24
N LYS A 200 -14.42 12.09 -26.42
CA LYS A 200 -14.86 13.28 -27.12
C LYS A 200 -15.35 12.85 -28.51
N SER A 201 -16.32 13.56 -29.06
CA SER A 201 -16.82 13.22 -30.38
C SER A 201 -17.52 14.36 -31.11
N PRO A 202 -17.20 14.55 -32.40
CA PRO A 202 -17.79 15.60 -33.22
C PRO A 202 -19.16 15.14 -33.74
N ASP A 203 -19.40 13.84 -33.68
CA ASP A 203 -20.66 13.26 -34.13
C ASP A 203 -21.82 13.59 -33.21
N SER A 204 -23.02 13.48 -33.75
CA SER A 204 -24.24 13.71 -32.99
C SER A 204 -24.39 12.52 -32.04
N HIS A 205 -23.79 11.40 -32.43
CA HIS A 205 -23.80 10.19 -31.62
C HIS A 205 -22.47 9.45 -31.72
N PRO A 206 -21.69 9.42 -30.62
CA PRO A 206 -20.40 8.75 -30.56
C PRO A 206 -20.57 7.24 -30.44
N ALA A 207 -19.46 6.51 -30.59
CA ALA A 207 -19.42 5.05 -30.49
C ALA A 207 -17.96 4.65 -30.51
N ASP A 208 -17.62 3.43 -30.07
CA ASP A 208 -18.55 2.48 -29.48
C ASP A 208 -18.43 2.30 -27.96
N GLY A 209 -17.33 2.73 -27.36
CA GLY A 209 -17.17 2.58 -25.93
C GLY A 209 -15.84 2.01 -25.48
N ILE A 210 -15.58 2.04 -24.17
CA ILE A 210 -14.33 1.53 -23.56
C ILE A 210 -14.69 0.32 -22.67
N ALA A 211 -13.76 -0.59 -22.45
CA ALA A 211 -14.01 -1.77 -21.62
C ALA A 211 -12.78 -2.20 -20.83
N PHE A 212 -13.02 -2.80 -19.68
CA PHE A 212 -11.94 -3.32 -18.84
C PHE A 212 -12.20 -4.82 -18.88
N PHE A 213 -11.18 -5.62 -19.16
CA PHE A 213 -11.41 -7.05 -19.25
C PHE A 213 -10.35 -7.96 -18.63
N ILE A 214 -10.79 -9.16 -18.26
CA ILE A 214 -9.92 -10.19 -17.72
C ILE A 214 -10.01 -11.28 -18.81
N SER A 215 -8.88 -11.72 -19.37
CA SER A 215 -8.88 -12.76 -20.42
C SER A 215 -7.73 -13.75 -20.25
N ASN A 216 -7.77 -14.84 -21.01
CA ASN A 216 -6.70 -15.84 -20.97
C ASN A 216 -5.41 -15.18 -21.44
N ILE A 217 -4.29 -15.62 -20.89
CA ILE A 217 -2.97 -15.06 -21.19
C ILE A 217 -2.66 -14.79 -22.67
N ASP A 218 -3.03 -15.74 -23.52
CA ASP A 218 -2.76 -15.64 -24.97
C ASP A 218 -3.89 -15.05 -25.84
N SER A 219 -4.60 -14.06 -25.30
CA SER A 219 -5.71 -13.41 -25.99
C SER A 219 -5.28 -12.33 -26.98
N SER A 220 -6.11 -12.08 -27.99
CA SER A 220 -5.83 -11.03 -28.98
C SER A 220 -7.12 -10.50 -29.60
N ILE A 221 -7.07 -9.32 -30.20
CA ILE A 221 -8.24 -8.73 -30.84
C ILE A 221 -8.82 -9.72 -31.82
N PRO A 222 -10.04 -10.20 -31.57
CA PRO A 222 -10.65 -11.17 -32.48
C PRO A 222 -10.91 -10.51 -33.82
N SER A 223 -11.06 -11.34 -34.84
CA SER A 223 -11.31 -10.85 -36.19
C SER A 223 -12.72 -10.32 -36.32
N GLY A 224 -12.82 -9.13 -36.92
CA GLY A 224 -14.12 -8.51 -37.15
C GLY A 224 -14.83 -8.03 -35.92
N SER A 225 -14.07 -7.56 -34.93
CA SER A 225 -14.64 -7.08 -33.68
C SER A 225 -14.61 -5.56 -33.57
N THR A 226 -14.75 -4.89 -34.70
CA THR A 226 -14.76 -3.42 -34.73
C THR A 226 -16.17 -2.99 -34.28
N GLY A 227 -16.38 -1.70 -34.14
CA GLY A 227 -17.69 -1.21 -33.74
C GLY A 227 -18.35 -1.89 -32.54
N ARG A 228 -19.59 -2.32 -32.71
CA ARG A 228 -20.37 -2.95 -31.64
C ARG A 228 -19.67 -4.05 -30.81
N LEU A 229 -18.69 -4.75 -31.37
CA LEU A 229 -18.05 -5.81 -30.60
C LEU A 229 -16.90 -5.39 -29.67
N LEU A 230 -16.63 -4.08 -29.63
CA LEU A 230 -15.62 -3.51 -28.76
C LEU A 230 -14.25 -4.22 -28.69
N GLY A 231 -13.81 -4.84 -29.78
CA GLY A 231 -12.53 -5.54 -29.81
C GLY A 231 -12.40 -6.69 -28.81
N LEU A 232 -13.52 -7.22 -28.36
CA LEU A 232 -13.50 -8.29 -27.36
C LEU A 232 -14.11 -9.62 -27.77
N PHE A 233 -15.16 -9.59 -28.59
CA PHE A 233 -15.80 -10.84 -28.98
C PHE A 233 -15.76 -11.14 -30.48
N PRO A 234 -15.70 -12.42 -30.84
CA PRO A 234 -15.66 -12.86 -32.24
C PRO A 234 -16.97 -12.51 -32.93
N ASP A 235 -18.08 -13.04 -32.41
CA ASP A 235 -19.40 -12.79 -32.96
C ASP A 235 -20.24 -12.01 -31.96
N ALA A 236 -21.56 -12.14 -32.02
CA ALA A 236 -22.42 -11.41 -31.10
C ALA A 236 -23.53 -12.28 -30.51
N ASN A 237 -23.17 -13.50 -30.11
CA ASN A 237 -24.11 -14.44 -29.52
C ASN A 237 -24.06 -14.36 -27.99
N ALA B 1 28.57 -8.78 -22.44
CA ALA B 1 28.09 -9.48 -21.22
C ALA B 1 26.91 -8.72 -20.61
N ASP B 2 26.07 -9.41 -19.84
CA ASP B 2 24.93 -8.76 -19.20
C ASP B 2 25.40 -7.72 -18.21
N THR B 3 24.57 -6.70 -18.01
CA THR B 3 24.86 -5.65 -17.06
C THR B 3 24.17 -6.10 -15.78
N ILE B 4 24.93 -6.21 -14.69
CA ILE B 4 24.37 -6.68 -13.43
C ILE B 4 24.75 -5.86 -12.20
N VAL B 5 23.81 -5.73 -11.27
CA VAL B 5 24.01 -5.04 -10.00
C VAL B 5 23.40 -5.97 -8.95
N ALA B 6 24.22 -6.46 -8.03
CA ALA B 6 23.75 -7.39 -7.01
C ALA B 6 24.12 -7.04 -5.61
N VAL B 7 23.45 -7.71 -4.69
CA VAL B 7 23.68 -7.61 -3.24
C VAL B 7 23.81 -9.10 -2.94
N GLU B 8 25.00 -9.50 -2.52
CA GLU B 8 25.28 -10.90 -2.27
C GLU B 8 25.37 -11.29 -0.82
N LEU B 9 24.85 -12.47 -0.50
CA LEU B 9 24.95 -13.05 0.83
C LEU B 9 25.90 -14.21 0.49
N ASP B 10 27.20 -13.94 0.62
CA ASP B 10 28.23 -14.89 0.27
C ASP B 10 28.65 -15.81 1.42
N THR B 11 28.36 -17.10 1.30
CA THR B 11 28.71 -18.05 2.36
C THR B 11 30.13 -18.66 2.32
N TYR B 12 30.73 -18.77 1.14
CA TYR B 12 32.08 -19.36 1.03
C TYR B 12 33.14 -18.30 0.70
N PRO B 13 34.22 -18.22 1.51
CA PRO B 13 35.25 -17.23 1.24
C PRO B 13 36.24 -17.71 0.19
N ASN B 14 36.22 -17.05 -0.96
CA ASN B 14 37.12 -17.36 -2.06
C ASN B 14 38.16 -16.26 -2.01
N THR B 15 39.20 -16.48 -1.22
CA THR B 15 40.24 -15.49 -1.04
C THR B 15 40.98 -15.07 -2.30
N ASP B 16 41.05 -15.97 -3.27
CA ASP B 16 41.75 -15.70 -4.52
C ASP B 16 41.05 -14.69 -5.44
N ILE B 17 39.78 -14.45 -5.21
CA ILE B 17 39.05 -13.51 -6.05
C ILE B 17 38.57 -12.28 -5.27
N GLY B 18 39.12 -12.08 -4.08
CA GLY B 18 38.73 -10.91 -3.30
C GLY B 18 37.84 -11.13 -2.07
N ASP B 19 37.20 -12.28 -1.96
CA ASP B 19 36.34 -12.54 -0.81
C ASP B 19 37.11 -12.34 0.46
N PRO B 20 36.49 -11.72 1.47
CA PRO B 20 37.18 -11.53 2.74
C PRO B 20 37.36 -12.93 3.33
N SER B 21 37.85 -13.02 4.55
CA SER B 21 38.11 -14.32 5.18
C SER B 21 36.95 -14.96 5.93
N TYR B 22 35.71 -14.62 5.59
CA TYR B 22 34.55 -15.17 6.30
C TYR B 22 33.27 -14.93 5.51
N PRO B 23 32.16 -15.62 5.86
CA PRO B 23 30.89 -15.43 5.14
C PRO B 23 30.58 -13.95 5.29
N HIS B 24 30.03 -13.33 4.26
CA HIS B 24 29.78 -11.88 4.31
C HIS B 24 28.72 -11.42 3.32
N ILE B 25 28.37 -10.14 3.38
CA ILE B 25 27.41 -9.57 2.45
C ILE B 25 28.09 -8.42 1.72
N GLY B 26 27.84 -8.27 0.42
CA GLY B 26 28.49 -7.20 -0.31
C GLY B 26 27.69 -6.62 -1.46
N ILE B 27 28.08 -5.44 -1.91
CA ILE B 27 27.42 -4.79 -3.03
C ILE B 27 28.26 -5.02 -4.29
N ASP B 28 27.68 -5.64 -5.31
CA ASP B 28 28.35 -5.94 -6.58
C ASP B 28 27.86 -5.02 -7.69
N ILE B 29 28.74 -4.18 -8.23
CA ILE B 29 28.37 -3.27 -9.32
C ILE B 29 29.14 -3.69 -10.58
N LYS B 30 28.57 -4.60 -11.34
CA LYS B 30 29.18 -5.09 -12.58
C LYS B 30 30.36 -6.07 -12.46
N SER B 31 30.62 -6.59 -11.27
CA SER B 31 31.70 -7.54 -11.08
C SER B 31 31.48 -8.29 -9.76
N VAL B 32 31.98 -9.53 -9.68
CA VAL B 32 31.81 -10.32 -8.46
C VAL B 32 32.69 -9.80 -7.35
N ARG B 33 33.70 -9.03 -7.71
CA ARG B 33 34.57 -8.48 -6.69
C ARG B 33 33.82 -7.30 -6.08
N SER B 34 33.14 -7.56 -4.97
CA SER B 34 32.33 -6.55 -4.29
C SER B 34 33.01 -5.21 -4.13
N LYS B 35 32.21 -4.16 -4.22
CA LYS B 35 32.70 -2.79 -4.06
C LYS B 35 32.65 -2.41 -2.58
N LYS B 36 31.99 -3.24 -1.78
CA LYS B 36 31.87 -3.00 -0.35
C LYS B 36 31.31 -4.25 0.29
N THR B 37 31.88 -4.66 1.41
CA THR B 37 31.43 -5.84 2.14
C THR B 37 31.30 -5.59 3.63
N ALA B 38 30.68 -6.54 4.32
CA ALA B 38 30.47 -6.46 5.75
C ALA B 38 30.42 -7.90 6.24
N LYS B 39 30.98 -8.16 7.42
CA LYS B 39 30.98 -9.49 8.00
C LYS B 39 29.56 -9.91 8.34
N TRP B 40 29.28 -11.17 8.09
CA TRP B 40 27.96 -11.68 8.34
C TRP B 40 28.12 -13.01 9.05
N ASN B 41 27.59 -13.08 10.27
CA ASN B 41 27.67 -14.30 11.06
C ASN B 41 26.47 -15.16 10.69
N MET B 42 26.60 -15.84 9.55
CA MET B 42 25.55 -16.71 9.03
C MET B 42 25.11 -17.69 10.11
N GLN B 43 23.91 -18.26 9.99
CA GLN B 43 23.42 -19.23 10.98
C GLN B 43 22.74 -20.43 10.34
N ASN B 44 23.53 -21.39 9.89
CA ASN B 44 23.03 -22.59 9.22
C ASN B 44 21.80 -23.21 9.88
N GLY B 45 20.70 -23.28 9.12
CA GLY B 45 19.48 -23.86 9.63
C GLY B 45 18.42 -22.88 10.11
N LYS B 46 18.81 -21.64 10.35
CA LYS B 46 17.87 -20.62 10.82
C LYS B 46 17.38 -19.74 9.64
N VAL B 47 16.10 -19.38 9.67
CA VAL B 47 15.49 -18.53 8.64
C VAL B 47 15.97 -17.11 8.87
N GLY B 48 16.27 -16.40 7.79
CA GLY B 48 16.76 -15.03 7.92
C GLY B 48 16.06 -14.08 6.97
N THR B 49 16.31 -12.78 7.10
CA THR B 49 15.65 -11.80 6.25
C THR B 49 16.61 -10.79 5.70
N ALA B 50 16.44 -10.47 4.42
CA ALA B 50 17.27 -9.50 3.75
C ALA B 50 16.39 -8.32 3.40
N HIS B 51 16.93 -7.12 3.57
CA HIS B 51 16.21 -5.89 3.26
C HIS B 51 17.12 -5.01 2.42
N ILE B 52 16.78 -4.83 1.15
CA ILE B 52 17.56 -3.97 0.26
C ILE B 52 16.76 -2.69 0.01
N ILE B 53 17.44 -1.54 -0.05
CA ILE B 53 16.76 -0.27 -0.29
C ILE B 53 17.63 0.68 -1.10
N TYR B 54 17.00 1.52 -1.91
CA TYR B 54 17.71 2.50 -2.72
C TYR B 54 16.77 3.62 -3.11
N ASN B 55 17.27 4.86 -3.04
CA ASN B 55 16.48 6.01 -3.46
C ASN B 55 17.41 7.00 -4.18
N SER B 56 16.93 7.58 -5.25
CA SER B 56 17.70 8.50 -6.06
C SER B 56 18.11 9.80 -5.36
N VAL B 57 17.56 10.08 -4.18
CA VAL B 57 17.91 11.34 -3.52
C VAL B 57 19.30 11.31 -2.88
N ASP B 58 19.58 10.34 -2.03
CA ASP B 58 20.91 10.26 -1.45
C ASP B 58 21.82 9.28 -2.21
N LYS B 59 21.27 8.65 -3.24
CA LYS B 59 22.02 7.71 -4.07
C LYS B 59 22.87 6.68 -3.33
N ARG B 60 22.22 5.87 -2.51
CA ARG B 60 22.92 4.85 -1.75
C ARG B 60 22.13 3.55 -1.78
N LEU B 61 22.84 2.46 -2.02
CA LEU B 61 22.24 1.14 -2.06
C LEU B 61 22.59 0.55 -0.70
N SER B 62 21.57 0.18 0.08
CA SER B 62 21.80 -0.38 1.41
C SER B 62 21.09 -1.71 1.61
N ALA B 63 21.74 -2.59 2.37
CA ALA B 63 21.18 -3.90 2.67
C ALA B 63 21.34 -4.16 4.16
N VAL B 64 20.50 -5.02 4.71
CA VAL B 64 20.56 -5.38 6.11
C VAL B 64 20.19 -6.84 6.08
N VAL B 65 20.95 -7.67 6.77
CA VAL B 65 20.64 -9.10 6.82
C VAL B 65 20.65 -9.51 8.28
N SER B 66 19.54 -10.06 8.75
CA SER B 66 19.43 -10.47 10.14
C SER B 66 18.78 -11.82 10.34
N TYR B 67 18.86 -12.29 11.59
CA TYR B 67 18.26 -13.55 12.04
C TYR B 67 17.55 -13.17 13.33
N PRO B 68 16.47 -13.89 13.69
CA PRO B 68 15.78 -13.52 14.92
C PRO B 68 16.66 -13.80 16.13
N ASN B 69 16.51 -12.97 17.16
CA ASN B 69 17.26 -13.16 18.40
C ASN B 69 18.76 -13.26 18.12
N ALA B 70 19.23 -12.39 17.24
CA ALA B 70 20.64 -12.33 16.85
C ALA B 70 20.85 -10.96 16.22
N ASP B 71 22.11 -10.58 16.03
CA ASP B 71 22.42 -9.28 15.46
C ASP B 71 22.38 -9.25 13.95
N SER B 72 22.22 -8.05 13.41
CA SER B 72 22.15 -7.87 11.97
C SER B 72 23.44 -7.32 11.34
N ALA B 73 23.63 -7.61 10.06
CA ALA B 73 24.79 -7.14 9.29
C ALA B 73 24.30 -6.07 8.32
N THR B 74 24.96 -4.93 8.34
CA THR B 74 24.58 -3.82 7.47
C THR B 74 25.64 -3.45 6.46
N VAL B 75 25.19 -3.01 5.29
CA VAL B 75 26.12 -2.61 4.24
C VAL B 75 25.42 -1.49 3.46
N SER B 76 26.21 -0.52 3.01
CA SER B 76 25.67 0.59 2.27
C SER B 76 26.77 1.11 1.33
N TYR B 77 26.36 1.55 0.15
CA TYR B 77 27.31 2.02 -0.85
C TYR B 77 26.70 3.09 -1.75
N ASP B 78 27.42 4.19 -1.95
CA ASP B 78 26.95 5.27 -2.81
C ASP B 78 27.09 4.85 -4.28
N VAL B 79 26.03 5.00 -5.04
CA VAL B 79 26.04 4.62 -6.44
C VAL B 79 24.89 5.24 -7.19
N ASP B 80 25.19 5.87 -8.31
CA ASP B 80 24.17 6.47 -9.13
C ASP B 80 23.73 5.42 -10.15
N LEU B 81 22.76 4.60 -9.76
CA LEU B 81 22.28 3.53 -10.64
C LEU B 81 21.80 3.96 -12.03
N ASP B 82 21.25 5.16 -12.14
CA ASP B 82 20.78 5.64 -13.45
C ASP B 82 21.97 5.96 -14.32
N ASN B 83 23.14 5.56 -13.88
CA ASN B 83 24.39 5.79 -14.60
C ASN B 83 25.11 4.45 -14.79
N VAL B 84 24.44 3.35 -14.42
CA VAL B 84 25.01 2.01 -14.52
C VAL B 84 24.05 1.04 -15.21
N LEU B 85 22.76 1.28 -15.05
CA LEU B 85 21.75 0.40 -15.60
C LEU B 85 20.84 1.03 -16.64
N PRO B 86 20.24 0.21 -17.51
CA PRO B 86 19.32 0.71 -18.53
C PRO B 86 18.05 1.29 -17.87
N GLU B 87 17.27 2.05 -18.61
CA GLU B 87 16.06 2.62 -18.05
C GLU B 87 15.13 1.52 -17.56
N TRP B 88 14.96 0.47 -18.38
CA TRP B 88 14.12 -0.68 -18.04
C TRP B 88 15.05 -1.86 -17.78
N VAL B 89 14.62 -2.77 -16.89
CA VAL B 89 15.41 -3.94 -16.47
C VAL B 89 14.49 -5.04 -15.97
N ARG B 90 15.10 -6.08 -15.42
CA ARG B 90 14.39 -7.18 -14.78
C ARG B 90 15.10 -7.39 -13.43
N VAL B 91 14.34 -7.79 -12.40
CA VAL B 91 14.90 -8.00 -11.06
C VAL B 91 14.75 -9.47 -10.71
N GLY B 92 15.66 -9.99 -9.88
CA GLY B 92 15.53 -11.40 -9.56
C GLY B 92 16.46 -11.89 -8.48
N LEU B 93 16.37 -13.18 -8.19
CA LEU B 93 17.18 -13.84 -7.18
C LEU B 93 18.03 -14.88 -7.90
N SER B 94 19.26 -15.05 -7.43
CA SER B 94 20.18 -16.03 -8.00
C SER B 94 20.90 -16.76 -6.87
N ALA B 95 21.41 -17.96 -7.13
CA ALA B 95 22.14 -18.72 -6.10
C ALA B 95 22.91 -19.86 -6.74
N SER B 96 23.86 -20.41 -5.99
CA SER B 96 24.70 -21.51 -6.49
C SER B 96 25.43 -22.35 -5.44
N THR B 97 26.02 -23.44 -5.92
CA THR B 97 26.83 -24.36 -5.13
C THR B 97 27.98 -24.78 -6.06
N GLY B 98 29.16 -25.00 -5.48
CA GLY B 98 30.31 -25.39 -6.29
C GLY B 98 30.72 -26.76 -5.83
N LEU B 99 31.91 -26.84 -5.20
CA LEU B 99 32.40 -28.11 -4.68
C LEU B 99 31.57 -28.41 -3.42
N TYR B 100 31.40 -27.39 -2.60
CA TYR B 100 30.61 -27.48 -1.38
C TYR B 100 29.17 -27.06 -1.69
N LYS B 101 28.23 -27.48 -0.85
CA LYS B 101 26.82 -27.16 -1.09
C LYS B 101 25.92 -26.83 0.11
N GLU B 102 24.78 -26.19 -0.18
CA GLU B 102 23.79 -25.76 0.80
C GLU B 102 22.41 -25.68 0.12
N THR B 103 21.37 -25.44 0.90
CA THR B 103 20.04 -25.27 0.32
C THR B 103 19.89 -23.76 0.22
N ASN B 104 19.32 -23.29 -0.89
CA ASN B 104 19.08 -21.86 -1.10
C ASN B 104 17.57 -21.70 -1.29
N THR B 105 16.86 -22.08 -0.25
CA THR B 105 15.41 -22.03 -0.21
C THR B 105 14.93 -20.61 0.01
N ILE B 106 13.91 -20.20 -0.74
CA ILE B 106 13.36 -18.87 -0.52
C ILE B 106 11.91 -18.99 -0.01
N LEU B 107 11.67 -18.48 1.19
CA LEU B 107 10.37 -18.52 1.83
C LEU B 107 9.40 -17.41 1.37
N SER B 108 9.92 -16.22 1.10
CA SER B 108 9.06 -15.15 0.61
C SER B 108 9.93 -14.12 -0.11
N TRP B 109 9.32 -13.27 -0.94
CA TRP B 109 10.03 -12.25 -1.70
C TRP B 109 9.05 -11.17 -2.11
N SER B 110 9.37 -9.92 -1.81
CA SER B 110 8.52 -8.82 -2.19
C SER B 110 9.43 -7.70 -2.66
N PHE B 111 8.91 -6.84 -3.52
CA PHE B 111 9.67 -5.75 -4.14
C PHE B 111 8.70 -4.60 -4.47
N THR B 112 9.17 -3.36 -4.38
CA THR B 112 8.34 -2.22 -4.71
C THR B 112 9.16 -1.21 -5.46
N SER B 113 8.57 -0.60 -6.51
CA SER B 113 9.26 0.42 -7.29
C SER B 113 8.35 1.62 -7.34
N LYS B 114 8.92 2.81 -7.35
CA LYS B 114 8.13 4.01 -7.44
C LYS B 114 8.93 5.08 -8.16
N LEU B 115 8.36 5.64 -9.22
CA LEU B 115 8.97 6.73 -9.99
C LEU B 115 8.02 7.91 -9.76
N LYS B 116 8.49 8.95 -9.08
CA LYS B 116 7.63 10.07 -8.84
C LYS B 116 8.08 11.19 -9.73
N SER B 117 7.18 11.59 -10.64
CA SER B 117 7.47 12.62 -11.61
C SER B 117 7.47 14.07 -11.13
N ASN B 118 8.10 14.91 -11.95
CA ASN B 118 8.25 16.34 -11.72
C ASN B 118 6.88 17.02 -11.61
N SER B 119 5.93 16.55 -12.41
CA SER B 119 4.57 17.08 -12.41
C SER B 119 3.83 16.46 -11.25
N THR B 120 3.20 17.31 -10.44
CA THR B 120 2.47 16.85 -9.26
C THR B 120 1.41 15.80 -9.54
N HIS B 121 1.23 14.91 -8.55
CA HIS B 121 0.26 13.82 -8.63
C HIS B 121 0.45 12.92 -9.86
N GLU B 122 1.69 12.56 -10.17
CA GLU B 122 1.99 11.70 -11.32
C GLU B 122 3.05 10.61 -11.08
N THR B 123 2.84 9.84 -10.02
CA THR B 123 3.71 8.75 -9.64
C THR B 123 3.29 7.48 -10.41
N ASN B 124 4.26 6.60 -10.67
CA ASN B 124 3.98 5.33 -11.34
C ASN B 124 4.65 4.29 -10.46
N ALA B 125 4.01 3.13 -10.30
CA ALA B 125 4.57 2.13 -9.43
C ALA B 125 4.26 0.68 -9.72
N LEU B 126 5.12 -0.17 -9.17
CA LEU B 126 4.97 -1.61 -9.29
C LEU B 126 5.24 -2.20 -7.91
N HIS B 127 4.40 -3.15 -7.51
CA HIS B 127 4.57 -3.83 -6.25
C HIS B 127 4.08 -5.27 -6.36
N PHE B 128 4.93 -6.22 -6.02
CA PHE B 128 4.50 -7.62 -6.00
C PHE B 128 4.88 -8.20 -4.63
N MET B 129 4.35 -9.37 -4.31
CA MET B 129 4.64 -9.99 -3.00
C MET B 129 4.24 -11.45 -3.01
N PHE B 130 5.22 -12.34 -2.84
CA PHE B 130 4.92 -13.75 -2.82
C PHE B 130 5.22 -14.26 -1.42
N ASN B 131 4.23 -14.88 -0.78
CA ASN B 131 4.43 -15.49 0.52
C ASN B 131 4.19 -16.98 0.34
N GLN B 132 3.88 -17.38 -0.89
CA GLN B 132 3.64 -18.77 -1.23
C GLN B 132 3.89 -18.90 -2.73
N PHE B 133 4.70 -19.89 -3.13
CA PHE B 133 5.01 -20.10 -4.54
C PHE B 133 4.28 -21.37 -5.00
N SER B 134 3.66 -21.32 -6.18
CA SER B 134 2.91 -22.43 -6.75
C SER B 134 3.77 -23.34 -7.63
N LYS B 135 3.25 -24.49 -8.04
CA LYS B 135 3.98 -25.41 -8.91
C LYS B 135 4.28 -24.76 -10.25
N ASP B 136 3.25 -24.14 -10.83
CA ASP B 136 3.39 -23.46 -12.11
C ASP B 136 3.17 -21.98 -11.81
N GLN B 137 4.25 -21.32 -11.43
CA GLN B 137 4.22 -19.90 -11.06
C GLN B 137 4.36 -19.04 -12.31
N LYS B 138 3.29 -18.98 -13.12
CA LYS B 138 3.29 -18.24 -14.38
C LYS B 138 3.76 -16.79 -14.44
N ASP B 139 4.18 -16.21 -13.32
CA ASP B 139 4.66 -14.83 -13.35
C ASP B 139 6.12 -14.70 -12.96
N LEU B 140 6.82 -15.84 -12.97
CA LEU B 140 8.24 -15.90 -12.67
C LEU B 140 8.99 -16.65 -13.77
N ILE B 141 10.10 -16.09 -14.22
CA ILE B 141 10.92 -16.73 -15.24
C ILE B 141 11.96 -17.54 -14.46
N LEU B 142 11.86 -18.86 -14.51
CA LEU B 142 12.83 -19.69 -13.79
C LEU B 142 13.97 -20.12 -14.71
N GLN B 143 15.20 -19.85 -14.28
CA GLN B 143 16.36 -20.20 -15.07
C GLN B 143 17.24 -21.17 -14.27
N GLY B 144 17.99 -22.02 -14.98
CA GLY B 144 18.86 -22.96 -14.31
C GLY B 144 18.10 -24.11 -13.68
N ASP B 145 18.41 -24.40 -12.42
CA ASP B 145 17.78 -25.48 -11.67
C ASP B 145 16.68 -25.02 -10.71
N ALA B 146 16.26 -23.75 -10.84
CA ALA B 146 15.23 -23.21 -9.97
C ALA B 146 13.89 -23.90 -10.16
N THR B 147 13.19 -24.12 -9.04
CA THR B 147 11.87 -24.75 -9.03
C THR B 147 11.03 -24.15 -7.92
N THR B 148 9.72 -24.31 -8.05
CA THR B 148 8.75 -23.82 -7.08
C THR B 148 7.86 -25.03 -6.81
N GLY B 149 7.08 -25.00 -5.75
CA GLY B 149 6.19 -26.12 -5.46
C GLY B 149 6.54 -26.94 -4.23
N THR B 150 7.82 -26.97 -3.86
CA THR B 150 8.26 -27.72 -2.66
C THR B 150 7.81 -26.99 -1.39
N ASP B 151 6.63 -27.35 -0.92
CA ASP B 151 6.04 -26.74 0.27
C ASP B 151 5.77 -25.26 0.00
N GLY B 152 5.32 -24.95 -1.20
CA GLY B 152 5.05 -23.56 -1.56
C GLY B 152 6.30 -22.71 -1.47
N ASN B 153 7.46 -23.33 -1.64
CA ASN B 153 8.73 -22.62 -1.58
C ASN B 153 9.34 -22.50 -2.96
N LEU B 154 10.36 -21.64 -3.07
CA LEU B 154 11.12 -21.43 -4.29
C LEU B 154 12.56 -21.89 -4.03
N GLU B 155 12.92 -23.03 -4.60
CA GLU B 155 14.26 -23.61 -4.47
C GLU B 155 15.23 -23.18 -5.59
N LEU B 156 16.01 -22.13 -5.36
CA LEU B 156 16.95 -21.65 -6.37
C LEU B 156 17.90 -22.71 -6.91
N THR B 157 18.59 -23.45 -6.04
CA THR B 157 19.50 -24.50 -6.51
C THR B 157 18.91 -25.90 -6.33
N ARG B 158 19.59 -26.91 -6.89
CA ARG B 158 19.10 -28.29 -6.85
C ARG B 158 19.12 -28.97 -5.46
N VAL B 159 18.15 -29.84 -5.26
CA VAL B 159 17.99 -30.58 -4.00
C VAL B 159 17.52 -32.02 -4.31
N SER B 160 17.95 -32.97 -3.50
CA SER B 160 17.56 -34.36 -3.65
C SER B 160 16.30 -34.60 -2.83
N SER B 161 15.54 -35.63 -3.18
CA SER B 161 14.30 -35.97 -2.48
C SER B 161 14.50 -36.06 -0.97
N ASN B 162 15.56 -36.74 -0.56
CA ASN B 162 15.88 -36.90 0.86
C ASN B 162 16.05 -35.55 1.56
N GLY B 163 16.18 -34.49 0.76
CA GLY B 163 16.35 -33.15 1.29
C GLY B 163 17.79 -32.72 1.30
N SER B 164 18.63 -33.39 0.51
CA SER B 164 20.05 -33.06 0.45
C SER B 164 20.46 -32.07 -0.66
N PRO B 165 21.29 -31.08 -0.32
CA PRO B 165 21.75 -30.08 -1.28
C PRO B 165 22.62 -30.78 -2.33
N GLN B 166 22.76 -30.17 -3.50
CA GLN B 166 23.60 -30.71 -4.56
C GLN B 166 24.69 -29.68 -4.86
N GLY B 167 25.76 -30.13 -5.51
CA GLY B 167 26.84 -29.25 -5.88
C GLY B 167 26.79 -28.91 -7.35
N SER B 168 27.62 -27.95 -7.76
CA SER B 168 27.69 -27.49 -9.15
C SER B 168 26.31 -27.26 -9.74
N SER B 169 25.50 -26.51 -9.01
CA SER B 169 24.14 -26.20 -9.41
C SER B 169 24.04 -24.70 -9.49
N VAL B 170 23.13 -24.21 -10.33
CA VAL B 170 22.93 -22.78 -10.46
C VAL B 170 21.48 -22.55 -10.91
N GLY B 171 20.83 -21.59 -10.30
CA GLY B 171 19.46 -21.31 -10.67
C GLY B 171 19.09 -19.89 -10.32
N ARG B 172 18.17 -19.32 -11.07
CA ARG B 172 17.72 -17.95 -10.85
C ARG B 172 16.21 -17.87 -11.06
N ALA B 173 15.59 -16.81 -10.55
CA ALA B 173 14.14 -16.59 -10.74
C ALA B 173 13.96 -15.11 -11.00
N LEU B 174 13.39 -14.75 -12.15
CA LEU B 174 13.19 -13.33 -12.44
C LEU B 174 11.71 -13.00 -12.57
N PHE B 175 11.30 -11.87 -12.02
CA PHE B 175 9.88 -11.47 -12.13
C PHE B 175 9.65 -11.15 -13.59
N TYR B 176 8.56 -11.68 -14.12
CA TYR B 176 8.15 -11.57 -15.52
C TYR B 176 8.04 -10.18 -16.18
N ALA B 177 7.51 -9.18 -15.47
CA ALA B 177 7.34 -7.86 -16.06
C ALA B 177 8.56 -6.96 -16.01
N PRO B 178 8.93 -6.36 -17.16
CA PRO B 178 10.10 -5.46 -17.13
C PRO B 178 9.80 -4.30 -16.19
N VAL B 179 10.77 -3.90 -15.39
CA VAL B 179 10.60 -2.82 -14.42
C VAL B 179 11.23 -1.54 -14.96
N HIS B 180 10.65 -0.40 -14.64
CA HIS B 180 11.19 0.87 -15.11
C HIS B 180 11.95 1.49 -13.95
N ILE B 181 13.12 0.93 -13.66
CA ILE B 181 13.94 1.34 -12.55
C ILE B 181 14.32 2.82 -12.47
N TRP B 182 14.39 3.52 -13.59
CA TRP B 182 14.72 4.94 -13.54
C TRP B 182 14.20 5.70 -14.73
N GLU B 183 14.17 7.02 -14.61
CA GLU B 183 13.64 7.87 -15.66
C GLU B 183 14.14 9.30 -15.43
N SER B 184 14.49 9.96 -16.53
CA SER B 184 15.00 11.33 -16.54
C SER B 184 14.08 12.38 -15.91
N SER B 185 12.81 12.34 -16.28
CA SER B 185 11.82 13.28 -15.78
C SER B 185 11.29 12.95 -14.39
N ALA B 186 11.90 11.96 -13.75
CA ALA B 186 11.48 11.56 -12.42
C ALA B 186 12.24 12.39 -11.39
N VAL B 187 11.52 12.98 -10.44
CA VAL B 187 12.14 13.77 -9.38
C VAL B 187 12.74 12.86 -8.32
N VAL B 188 12.00 11.81 -7.98
CA VAL B 188 12.44 10.81 -7.01
C VAL B 188 12.20 9.44 -7.59
N ALA B 189 13.20 8.57 -7.49
CA ALA B 189 13.09 7.18 -7.97
C ALA B 189 13.54 6.30 -6.82
N SER B 190 12.79 5.25 -6.52
CA SER B 190 13.16 4.38 -5.42
C SER B 190 12.61 2.97 -5.54
N PHE B 191 13.25 2.02 -4.86
CA PHE B 191 12.80 0.64 -4.87
C PHE B 191 13.22 -0.06 -3.57
N GLU B 192 12.55 -1.16 -3.25
CA GLU B 192 12.91 -1.94 -2.07
C GLU B 192 12.50 -3.38 -2.26
N ALA B 193 13.30 -4.30 -1.75
CA ALA B 193 13.00 -5.71 -1.89
C ALA B 193 13.25 -6.38 -0.57
N THR B 194 12.50 -7.44 -0.30
CA THR B 194 12.66 -8.20 0.93
C THR B 194 12.45 -9.68 0.65
N PHE B 195 13.31 -10.54 1.20
CA PHE B 195 13.11 -11.97 1.05
C PHE B 195 13.54 -12.69 2.31
N THR B 196 12.93 -13.83 2.58
CA THR B 196 13.30 -14.62 3.75
C THR B 196 13.89 -15.87 3.16
N PHE B 197 15.03 -16.28 3.69
CA PHE B 197 15.72 -17.44 3.19
C PHE B 197 16.07 -18.45 4.27
N LEU B 198 16.44 -19.64 3.81
CA LEU B 198 16.81 -20.73 4.69
C LEU B 198 17.95 -21.53 4.04
N ILE B 199 19.15 -21.19 4.46
CA ILE B 199 20.36 -21.86 3.99
C ILE B 199 20.68 -22.91 5.08
N LYS B 200 20.79 -24.16 4.64
CA LYS B 200 21.05 -25.28 5.53
C LYS B 200 21.94 -26.26 4.79
N SER B 201 23.03 -26.71 5.43
CA SER B 201 23.96 -27.65 4.80
C SER B 201 24.63 -28.63 5.77
N PRO B 202 25.03 -29.80 5.25
CA PRO B 202 25.67 -30.86 6.05
C PRO B 202 27.17 -30.63 6.27
N ASP B 203 27.79 -29.93 5.34
CA ASP B 203 29.21 -29.65 5.41
C ASP B 203 29.54 -28.70 6.56
N SER B 204 30.84 -28.53 6.79
CA SER B 204 31.35 -27.61 7.81
C SER B 204 31.64 -26.32 7.05
N HIS B 205 31.48 -26.39 5.74
CA HIS B 205 31.72 -25.26 4.85
C HIS B 205 30.62 -25.21 3.80
N PRO B 206 29.63 -24.33 4.00
CA PRO B 206 28.53 -24.19 3.05
C PRO B 206 28.99 -23.29 1.90
N ALA B 207 28.43 -23.50 0.72
CA ALA B 207 28.76 -22.73 -0.46
C ALA B 207 27.57 -22.75 -1.41
N ASP B 208 27.28 -21.64 -2.09
CA ASP B 208 28.17 -20.48 -2.21
C ASP B 208 27.53 -19.15 -1.83
N GLY B 209 26.21 -19.07 -1.94
CA GLY B 209 25.51 -17.84 -1.61
C GLY B 209 24.24 -17.60 -2.39
N ILE B 210 23.50 -16.58 -1.98
CA ILE B 210 22.26 -16.20 -2.64
C ILE B 210 22.49 -14.74 -2.96
N ALA B 211 21.84 -14.21 -3.98
CA ALA B 211 22.02 -12.80 -4.30
C ALA B 211 20.75 -12.27 -4.90
N PHE B 212 20.53 -10.97 -4.77
CA PHE B 212 19.37 -10.30 -5.34
C PHE B 212 20.02 -9.40 -6.39
N PHE B 213 19.58 -9.51 -7.64
CA PHE B 213 20.15 -8.70 -8.69
C PHE B 213 19.14 -7.95 -9.52
N ILE B 214 19.64 -6.96 -10.24
CA ILE B 214 18.87 -6.13 -11.16
C ILE B 214 19.70 -6.29 -12.45
N SER B 215 19.07 -6.71 -13.53
CA SER B 215 19.79 -6.93 -14.78
C SER B 215 19.07 -6.41 -16.01
N ASN B 216 19.59 -6.75 -17.18
CA ASN B 216 18.92 -6.33 -18.40
C ASN B 216 17.80 -7.31 -18.66
N ILE B 217 16.79 -6.85 -19.39
CA ILE B 217 15.62 -7.66 -19.66
C ILE B 217 15.91 -9.05 -20.18
N ASP B 218 16.87 -9.17 -21.10
CA ASP B 218 17.18 -10.47 -21.67
C ASP B 218 18.26 -11.34 -21.01
N SER B 219 18.72 -10.94 -19.82
CA SER B 219 19.76 -11.66 -19.06
C SER B 219 19.55 -13.17 -18.85
N SER B 220 20.63 -13.93 -18.83
CA SER B 220 20.55 -15.38 -18.64
C SER B 220 21.78 -15.91 -17.89
N ILE B 221 21.70 -17.10 -17.31
CA ILE B 221 22.85 -17.63 -16.59
C ILE B 221 24.06 -17.71 -17.52
N PRO B 222 25.18 -17.12 -17.11
CA PRO B 222 26.39 -17.14 -17.93
C PRO B 222 26.99 -18.54 -17.89
N SER B 223 27.79 -18.86 -18.90
CA SER B 223 28.45 -20.16 -18.95
C SER B 223 29.38 -20.38 -17.78
N GLY B 224 29.32 -21.57 -17.19
CA GLY B 224 30.15 -21.95 -16.06
C GLY B 224 30.23 -20.90 -14.96
N SER B 225 29.08 -20.49 -14.47
CA SER B 225 29.03 -19.50 -13.42
C SER B 225 28.55 -20.09 -12.09
N THR B 226 28.69 -21.41 -11.94
CA THR B 226 28.31 -22.05 -10.69
C THR B 226 29.35 -21.66 -9.63
N GLY B 227 29.29 -22.32 -8.48
CA GLY B 227 30.27 -22.00 -7.45
C GLY B 227 30.48 -20.52 -7.15
N ARG B 228 31.73 -20.11 -7.07
CA ARG B 228 32.07 -18.74 -6.73
C ARG B 228 31.44 -17.61 -7.54
N LEU B 229 30.92 -17.91 -8.73
CA LEU B 229 30.32 -16.85 -9.55
C LEU B 229 28.82 -16.54 -9.33
N LEU B 230 28.19 -17.25 -8.40
CA LEU B 230 26.80 -17.03 -8.02
C LEU B 230 25.77 -16.94 -9.17
N GLY B 231 26.07 -17.57 -10.29
CA GLY B 231 25.18 -17.57 -11.44
C GLY B 231 24.94 -16.19 -12.00
N LEU B 232 25.85 -15.27 -11.71
CA LEU B 232 25.70 -13.90 -12.18
C LEU B 232 26.76 -13.45 -13.16
N PHE B 233 28.02 -13.77 -12.88
CA PHE B 233 29.10 -13.30 -13.73
C PHE B 233 29.79 -14.36 -14.61
N PRO B 234 30.29 -13.95 -15.78
CA PRO B 234 30.97 -14.86 -16.72
C PRO B 234 32.39 -15.22 -16.24
N ASP B 235 33.00 -14.32 -15.49
CA ASP B 235 34.33 -14.55 -14.98
C ASP B 235 34.54 -13.73 -13.70
N ALA B 236 35.58 -14.08 -12.95
CA ALA B 236 35.90 -13.41 -11.69
C ALA B 236 36.73 -12.15 -11.83
N ASN B 237 36.62 -11.48 -12.97
CA ASN B 237 37.39 -10.25 -13.18
C ASN B 237 36.70 -9.08 -12.48
N ALA C 1 -27.66 6.45 23.50
CA ALA C 1 -26.49 5.56 23.76
C ALA C 1 -25.58 5.61 22.55
N ASP C 2 -24.56 4.77 22.55
CA ASP C 2 -23.62 4.72 21.46
C ASP C 2 -24.27 4.01 20.27
N THR C 3 -23.74 4.25 19.08
CA THR C 3 -24.22 3.58 17.88
C THR C 3 -23.16 2.52 17.62
N ILE C 4 -23.60 1.29 17.41
CA ILE C 4 -22.66 0.21 17.20
C ILE C 4 -22.99 -0.70 16.02
N VAL C 5 -21.99 -0.94 15.18
CA VAL C 5 -22.12 -1.87 14.06
C VAL C 5 -20.96 -2.82 14.39
N ALA C 6 -21.24 -4.12 14.43
CA ALA C 6 -20.20 -5.06 14.80
C ALA C 6 -20.32 -6.39 14.12
N VAL C 7 -19.21 -7.12 14.14
CA VAL C 7 -19.14 -8.49 13.60
C VAL C 7 -18.70 -9.22 14.85
N GLU C 8 -19.52 -10.15 15.31
CA GLU C 8 -19.22 -10.88 16.52
C GLU C 8 -18.81 -12.32 16.32
N LEU C 9 -17.75 -12.73 16.99
CA LEU C 9 -17.30 -14.11 16.96
C LEU C 9 -17.78 -14.65 18.32
N ASP C 10 -19.06 -15.02 18.35
CA ASP C 10 -19.76 -15.53 19.53
C ASP C 10 -19.48 -17.01 19.84
N THR C 11 -18.88 -17.27 21.01
CA THR C 11 -18.54 -18.62 21.42
C THR C 11 -19.55 -19.33 22.33
N TYR C 12 -20.40 -18.58 23.01
CA TYR C 12 -21.40 -19.15 23.92
C TYR C 12 -22.82 -18.89 23.43
N PRO C 13 -23.59 -19.95 23.13
CA PRO C 13 -24.97 -19.78 22.66
C PRO C 13 -26.02 -19.46 23.74
N ASN C 14 -26.38 -18.19 23.86
CA ASN C 14 -27.40 -17.78 24.82
C ASN C 14 -28.69 -17.78 24.02
N THR C 15 -29.28 -18.97 23.89
CA THR C 15 -30.51 -19.17 23.12
C THR C 15 -31.71 -18.33 23.54
N ASP C 16 -31.76 -17.92 24.80
CA ASP C 16 -32.89 -17.12 25.25
C ASP C 16 -33.00 -15.79 24.52
N ILE C 17 -31.86 -15.19 24.17
CA ILE C 17 -31.86 -13.92 23.44
C ILE C 17 -31.68 -14.08 21.93
N GLY C 18 -32.11 -15.21 21.40
CA GLY C 18 -32.01 -15.44 19.97
C GLY C 18 -30.59 -15.70 19.54
N ASP C 19 -30.13 -16.91 19.79
CA ASP C 19 -28.78 -17.31 19.46
C ASP C 19 -28.89 -18.72 18.92
N PRO C 20 -28.04 -19.08 17.94
CA PRO C 20 -28.10 -20.44 17.41
C PRO C 20 -27.62 -21.33 18.55
N SER C 21 -27.77 -22.64 18.39
CA SER C 21 -27.35 -23.56 19.44
C SER C 21 -25.91 -24.04 19.25
N TYR C 22 -25.05 -23.15 18.81
CA TYR C 22 -23.65 -23.46 18.56
C TYR C 22 -22.88 -22.17 18.37
N PRO C 23 -21.54 -22.21 18.51
CA PRO C 23 -20.72 -21.00 18.34
C PRO C 23 -20.97 -20.49 16.93
N HIS C 24 -21.04 -19.17 16.78
CA HIS C 24 -21.33 -18.58 15.48
C HIS C 24 -20.67 -17.23 15.29
N ILE C 25 -20.80 -16.69 14.07
CA ILE C 25 -20.31 -15.36 13.75
C ILE C 25 -21.56 -14.64 13.25
N GLY C 26 -21.68 -13.35 13.54
CA GLY C 26 -22.85 -12.62 13.09
C GLY C 26 -22.65 -11.14 12.89
N ILE C 27 -23.56 -10.53 12.15
CA ILE C 27 -23.52 -9.09 11.88
C ILE C 27 -24.49 -8.42 12.88
N ASP C 28 -23.96 -7.60 13.79
CA ASP C 28 -24.77 -6.90 14.79
C ASP C 28 -24.99 -5.44 14.42
N ILE C 29 -26.24 -5.07 14.13
CA ILE C 29 -26.56 -3.68 13.77
C ILE C 29 -27.36 -3.03 14.89
N LYS C 30 -26.69 -2.26 15.73
CA LYS C 30 -27.33 -1.57 16.84
C LYS C 30 -28.03 -2.47 17.86
N SER C 31 -27.87 -3.77 17.77
CA SER C 31 -28.49 -4.66 18.72
C SER C 31 -27.63 -5.89 18.87
N VAL C 32 -27.77 -6.58 20.00
CA VAL C 32 -26.98 -7.79 20.26
C VAL C 32 -27.61 -8.98 19.55
N ARG C 33 -28.83 -8.79 19.05
CA ARG C 33 -29.50 -9.84 18.33
C ARG C 33 -29.11 -9.70 16.84
N SER C 34 -28.30 -10.63 16.37
CA SER C 34 -27.80 -10.62 15.01
C SER C 34 -28.82 -10.56 13.87
N LYS C 35 -28.52 -9.77 12.84
CA LYS C 35 -29.40 -9.65 11.67
C LYS C 35 -29.09 -10.80 10.71
N LYS C 36 -27.96 -11.47 10.90
CA LYS C 36 -27.57 -12.59 10.06
C LYS C 36 -26.39 -13.31 10.74
N THR C 37 -26.41 -14.64 10.80
CA THR C 37 -25.32 -15.40 11.43
C THR C 37 -24.87 -16.59 10.57
N ALA C 38 -23.85 -17.30 11.03
CA ALA C 38 -23.32 -18.46 10.32
C ALA C 38 -22.67 -19.37 11.35
N LYS C 39 -22.85 -20.68 11.22
CA LYS C 39 -22.27 -21.63 12.16
C LYS C 39 -20.74 -21.56 12.12
N TRP C 40 -20.10 -21.62 13.28
CA TRP C 40 -18.66 -21.51 13.38
C TRP C 40 -18.05 -22.70 14.11
N ASN C 41 -17.27 -23.52 13.40
CA ASN C 41 -16.60 -24.68 13.99
C ASN C 41 -15.39 -24.16 14.76
N MET C 42 -15.67 -23.52 15.88
CA MET C 42 -14.66 -22.91 16.71
C MET C 42 -13.66 -23.94 17.25
N GLN C 43 -12.38 -23.68 17.05
CA GLN C 43 -11.32 -24.56 17.53
C GLN C 43 -10.67 -24.01 18.79
N ASN C 44 -10.61 -24.84 19.83
CA ASN C 44 -10.01 -24.44 21.10
C ASN C 44 -8.47 -24.46 21.00
N GLY C 45 -7.84 -23.38 21.42
CA GLY C 45 -6.38 -23.33 21.39
C GLY C 45 -5.70 -23.08 20.05
N LYS C 46 -6.47 -23.02 18.97
CA LYS C 46 -5.92 -22.77 17.64
C LYS C 46 -5.97 -21.28 17.34
N VAL C 47 -4.99 -20.78 16.59
CA VAL C 47 -4.94 -19.38 16.22
C VAL C 47 -5.80 -19.22 14.99
N GLY C 48 -6.81 -18.36 15.07
CA GLY C 48 -7.67 -18.13 13.91
C GLY C 48 -7.51 -16.75 13.30
N THR C 49 -8.05 -16.56 12.10
CA THR C 49 -7.96 -15.28 11.46
C THR C 49 -9.33 -14.87 10.98
N ALA C 50 -9.66 -13.61 11.19
CA ALA C 50 -10.95 -13.07 10.77
C ALA C 50 -10.69 -11.98 9.76
N HIS C 51 -11.41 -12.05 8.64
CA HIS C 51 -11.27 -11.05 7.61
C HIS C 51 -12.64 -10.45 7.37
N ILE C 52 -12.70 -9.12 7.43
CA ILE C 52 -13.91 -8.36 7.26
C ILE C 52 -13.71 -7.29 6.19
N ILE C 53 -14.64 -7.18 5.24
CA ILE C 53 -14.53 -6.19 4.16
C ILE C 53 -15.85 -5.49 3.99
N TYR C 54 -15.83 -4.33 3.34
CA TYR C 54 -17.03 -3.55 3.07
C TYR C 54 -16.74 -2.42 2.08
N ASN C 55 -17.64 -2.24 1.10
CA ASN C 55 -17.55 -1.18 0.09
C ASN C 55 -18.96 -0.60 -0.12
N SER C 56 -19.04 0.69 -0.39
CA SER C 56 -20.31 1.35 -0.58
C SER C 56 -20.99 1.15 -1.93
N VAL C 57 -20.34 0.40 -2.83
CA VAL C 57 -20.90 0.16 -4.15
C VAL C 57 -21.97 -0.88 -4.00
N ASP C 58 -21.59 -2.11 -3.64
CA ASP C 58 -22.57 -3.17 -3.45
C ASP C 58 -23.30 -3.05 -2.09
N LYS C 59 -22.76 -2.20 -1.21
CA LYS C 59 -23.34 -1.96 0.11
C LYS C 59 -23.54 -3.23 0.92
N ARG C 60 -22.51 -4.07 0.99
CA ARG C 60 -22.62 -5.32 1.73
C ARG C 60 -21.42 -5.60 2.59
N LEU C 61 -21.67 -5.85 3.87
CA LEU C 61 -20.65 -6.14 4.87
C LEU C 61 -20.48 -7.65 4.94
N SER C 62 -19.25 -8.15 4.80
CA SER C 62 -18.99 -9.58 4.84
C SER C 62 -17.86 -9.90 5.80
N ALA C 63 -17.85 -11.11 6.32
CA ALA C 63 -16.81 -11.54 7.24
C ALA C 63 -16.54 -13.04 7.05
N VAL C 64 -15.26 -13.40 7.06
CA VAL C 64 -14.84 -14.79 6.94
C VAL C 64 -13.97 -15.08 8.15
N VAL C 65 -14.04 -16.32 8.66
CA VAL C 65 -13.21 -16.72 9.79
C VAL C 65 -12.65 -18.10 9.45
N SER C 66 -11.33 -18.25 9.54
CA SER C 66 -10.71 -19.53 9.21
C SER C 66 -9.52 -19.92 10.07
N TYR C 67 -9.27 -21.23 10.12
CA TYR C 67 -8.16 -21.81 10.87
C TYR C 67 -7.42 -22.53 9.75
N PRO C 68 -6.09 -22.56 9.81
CA PRO C 68 -5.33 -23.24 8.75
C PRO C 68 -5.65 -24.73 8.63
N ASN C 69 -5.62 -25.22 7.39
CA ASN C 69 -5.89 -26.62 7.08
C ASN C 69 -7.31 -27.06 7.41
N ALA C 70 -8.24 -26.11 7.55
CA ALA C 70 -9.62 -26.44 7.89
C ALA C 70 -10.64 -25.52 7.22
N ASP C 71 -11.91 -25.83 7.45
CA ASP C 71 -13.04 -25.07 6.89
C ASP C 71 -13.12 -23.60 7.28
N SER C 72 -13.94 -22.84 6.57
CA SER C 72 -14.08 -21.42 6.83
C SER C 72 -15.55 -21.00 6.99
N ALA C 73 -15.78 -19.96 7.79
CA ALA C 73 -17.13 -19.45 8.03
C ALA C 73 -17.22 -18.09 7.33
N THR C 74 -18.27 -17.92 6.54
CA THR C 74 -18.52 -16.71 5.78
C THR C 74 -19.88 -16.16 6.15
N VAL C 75 -20.06 -14.84 6.13
CA VAL C 75 -21.36 -14.25 6.42
C VAL C 75 -21.46 -12.88 5.77
N SER C 76 -22.66 -12.51 5.31
CA SER C 76 -22.88 -11.24 4.64
C SER C 76 -24.23 -10.63 4.96
N TYR C 77 -24.29 -9.31 4.95
CA TYR C 77 -25.51 -8.61 5.23
C TYR C 77 -25.47 -7.32 4.42
N ASP C 78 -26.59 -6.97 3.82
CA ASP C 78 -26.72 -5.77 3.01
C ASP C 78 -27.11 -4.62 3.92
N VAL C 79 -26.27 -3.59 4.01
CA VAL C 79 -26.54 -2.46 4.88
C VAL C 79 -25.86 -1.19 4.38
N ASP C 80 -26.55 -0.07 4.52
CA ASP C 80 -26.01 1.22 4.09
C ASP C 80 -25.44 1.85 5.35
N LEU C 81 -24.13 1.75 5.54
CA LEU C 81 -23.53 2.31 6.75
C LEU C 81 -23.77 3.79 6.96
N ASP C 82 -23.91 4.54 5.87
CA ASP C 82 -24.16 5.97 5.99
C ASP C 82 -25.53 6.28 6.60
N ASN C 83 -26.41 5.30 6.65
CA ASN C 83 -27.73 5.50 7.24
C ASN C 83 -27.76 4.91 8.64
N VAL C 84 -26.58 4.58 9.18
CA VAL C 84 -26.51 3.96 10.50
C VAL C 84 -25.48 4.57 11.43
N LEU C 85 -24.29 4.86 10.90
CA LEU C 85 -23.19 5.40 11.67
C LEU C 85 -22.92 6.86 11.38
N PRO C 86 -22.27 7.55 12.33
CA PRO C 86 -21.97 8.96 12.07
C PRO C 86 -20.85 9.02 11.02
N GLU C 87 -20.70 10.18 10.37
CA GLU C 87 -19.68 10.38 9.36
C GLU C 87 -18.27 10.09 9.91
N TRP C 88 -18.05 10.40 11.18
CA TRP C 88 -16.77 10.15 11.86
C TRP C 88 -16.97 9.13 12.99
N VAL C 89 -16.13 8.09 13.00
CA VAL C 89 -16.25 7.03 13.99
C VAL C 89 -14.92 6.63 14.57
N ARG C 90 -14.93 5.51 15.31
CA ARG C 90 -13.73 4.94 15.91
C ARG C 90 -13.92 3.44 15.81
N VAL C 91 -12.89 2.74 15.37
CA VAL C 91 -12.96 1.30 15.20
C VAL C 91 -12.23 0.60 16.35
N GLY C 92 -12.55 -0.65 16.60
CA GLY C 92 -11.87 -1.32 17.68
C GLY C 92 -12.28 -2.75 17.89
N LEU C 93 -11.65 -3.37 18.88
CA LEU C 93 -11.90 -4.75 19.23
C LEU C 93 -12.53 -4.81 20.63
N SER C 94 -13.34 -5.84 20.86
CA SER C 94 -14.02 -6.00 22.14
C SER C 94 -14.20 -7.46 22.47
N ALA C 95 -14.13 -7.80 23.75
CA ALA C 95 -14.29 -9.18 24.19
C ALA C 95 -14.82 -9.20 25.63
N SER C 96 -15.40 -10.32 26.03
CA SER C 96 -15.93 -10.46 27.38
C SER C 96 -16.06 -11.91 27.87
N THR C 97 -16.17 -12.04 29.20
CA THR C 97 -16.38 -13.32 29.86
C THR C 97 -17.53 -13.10 30.86
N GLY C 98 -18.08 -14.19 31.37
CA GLY C 98 -19.18 -14.09 32.31
C GLY C 98 -19.08 -15.23 33.32
N LEU C 99 -20.11 -16.05 33.41
CA LEU C 99 -20.11 -17.16 34.35
C LEU C 99 -19.14 -18.20 33.77
N TYR C 100 -18.89 -18.12 32.47
CA TYR C 100 -17.97 -19.01 31.77
C TYR C 100 -16.84 -18.14 31.24
N LYS C 101 -15.69 -18.72 30.92
CA LYS C 101 -14.58 -17.90 30.44
C LYS C 101 -13.65 -18.54 29.39
N GLU C 102 -12.79 -17.70 28.82
CA GLU C 102 -11.83 -18.11 27.79
C GLU C 102 -10.83 -16.98 27.68
N THR C 103 -9.70 -17.23 27.04
CA THR C 103 -8.71 -16.16 26.86
C THR C 103 -9.09 -15.46 25.56
N ASN C 104 -9.03 -14.13 25.52
CA ASN C 104 -9.36 -13.40 24.29
C ASN C 104 -8.11 -12.66 23.80
N THR C 105 -7.17 -13.42 23.27
CA THR C 105 -5.92 -12.87 22.81
C THR C 105 -5.92 -12.44 21.37
N ILE C 106 -5.44 -11.23 21.11
CA ILE C 106 -5.33 -10.70 19.76
C ILE C 106 -3.82 -10.74 19.46
N LEU C 107 -3.45 -11.48 18.43
CA LEU C 107 -2.05 -11.61 18.06
C LEU C 107 -1.60 -10.51 17.09
N SER C 108 -2.51 -10.05 16.24
CA SER C 108 -2.20 -8.98 15.30
C SER C 108 -3.51 -8.37 14.86
N TRP C 109 -3.43 -7.19 14.23
CA TRP C 109 -4.61 -6.47 13.76
C TRP C 109 -4.25 -5.35 12.79
N SER C 110 -4.95 -5.26 11.66
CA SER C 110 -4.69 -4.19 10.69
C SER C 110 -5.99 -3.73 10.06
N PHE C 111 -6.03 -2.47 9.65
CA PHE C 111 -7.24 -1.86 9.08
C PHE C 111 -6.90 -0.84 8.00
N THR C 112 -7.83 -0.66 7.06
CA THR C 112 -7.70 0.30 5.95
C THR C 112 -9.05 0.86 5.59
N SER C 113 -9.09 2.16 5.27
CA SER C 113 -10.31 2.84 4.87
C SER C 113 -9.97 3.73 3.69
N LYS C 114 -10.93 3.97 2.81
CA LYS C 114 -10.72 4.82 1.65
C LYS C 114 -11.95 5.70 1.34
N LEU C 115 -11.74 6.99 1.16
CA LEU C 115 -12.81 7.88 0.78
C LEU C 115 -12.38 8.47 -0.55
N LYS C 116 -13.19 8.27 -1.59
CA LYS C 116 -12.89 8.78 -2.92
C LYS C 116 -14.05 9.67 -3.36
N SER C 117 -13.83 10.98 -3.41
CA SER C 117 -14.89 11.90 -3.81
C SER C 117 -15.02 11.96 -5.32
N ASN C 118 -16.03 12.69 -5.81
CA ASN C 118 -16.28 12.84 -7.25
C ASN C 118 -15.13 13.52 -8.00
N SER C 119 -14.37 14.34 -7.29
CA SER C 119 -13.24 15.06 -7.88
C SER C 119 -12.15 14.07 -8.28
N THR C 120 -11.96 13.89 -9.58
CA THR C 120 -10.97 12.95 -10.11
C THR C 120 -9.59 13.05 -9.46
N HIS C 121 -9.01 11.87 -9.21
CA HIS C 121 -7.68 11.77 -8.61
C HIS C 121 -7.59 12.27 -7.16
N GLU C 122 -8.72 12.37 -6.48
CA GLU C 122 -8.75 12.79 -5.08
C GLU C 122 -9.14 11.63 -4.19
N THR C 123 -8.26 11.28 -3.26
CA THR C 123 -8.47 10.16 -2.35
C THR C 123 -7.87 10.38 -0.95
N ASN C 124 -8.65 10.06 0.07
CA ASN C 124 -8.22 10.17 1.46
C ASN C 124 -8.16 8.75 1.99
N ALA C 125 -7.19 8.45 2.84
CA ALA C 125 -7.06 7.09 3.35
C ALA C 125 -6.30 6.94 4.65
N LEU C 126 -6.63 5.88 5.40
CA LEU C 126 -5.98 5.56 6.67
C LEU C 126 -5.71 4.06 6.71
N HIS C 127 -4.55 3.68 7.23
CA HIS C 127 -4.19 2.27 7.35
C HIS C 127 -3.16 2.03 8.47
N PHE C 128 -3.44 1.04 9.31
CA PHE C 128 -2.51 0.69 10.38
C PHE C 128 -2.31 -0.81 10.45
N MET C 129 -1.21 -1.22 11.05
CA MET C 129 -0.91 -2.64 11.16
C MET C 129 -0.09 -2.81 12.42
N PHE C 130 -0.54 -3.72 13.29
CA PHE C 130 0.12 -4.05 14.53
C PHE C 130 0.43 -5.53 14.39
N ASN C 131 1.70 -5.90 14.48
CA ASN C 131 2.09 -7.31 14.41
C ASN C 131 2.66 -7.73 15.76
N GLN C 132 2.74 -6.78 16.67
CA GLN C 132 3.21 -7.02 18.02
C GLN C 132 2.86 -5.78 18.82
N PHE C 133 2.23 -6.00 19.97
CA PHE C 133 1.83 -4.89 20.82
C PHE C 133 2.81 -4.72 21.94
N SER C 134 3.18 -3.49 22.23
CA SER C 134 4.14 -3.23 23.29
C SER C 134 3.41 -2.83 24.56
N LYS C 135 4.12 -2.83 25.68
CA LYS C 135 3.53 -2.46 26.97
C LYS C 135 3.10 -0.99 26.97
N ASP C 136 3.56 -0.21 26.00
CA ASP C 136 3.17 1.19 25.93
C ASP C 136 2.64 1.51 24.53
N GLN C 137 1.42 1.07 24.24
CA GLN C 137 0.79 1.34 22.96
C GLN C 137 0.13 2.70 23.02
N LYS C 138 0.88 3.75 22.75
CA LYS C 138 0.33 5.08 22.83
C LYS C 138 -0.73 5.42 21.79
N ASP C 139 -0.89 4.58 20.77
CA ASP C 139 -1.91 4.83 19.73
C ASP C 139 -3.20 4.01 19.87
N LEU C 140 -3.37 3.37 21.02
CA LEU C 140 -4.56 2.58 21.33
C LEU C 140 -5.22 3.05 22.63
N ILE C 141 -6.55 3.13 22.58
CA ILE C 141 -7.38 3.50 23.73
C ILE C 141 -7.78 2.16 24.34
N LEU C 142 -7.30 1.86 25.55
CA LEU C 142 -7.65 0.61 26.21
C LEU C 142 -8.78 0.85 27.20
N GLN C 143 -9.73 -0.07 27.27
CA GLN C 143 -10.87 0.11 28.16
C GLN C 143 -11.18 -1.19 28.89
N GLY C 144 -11.66 -1.07 30.13
CA GLY C 144 -12.00 -2.24 30.92
C GLY C 144 -10.77 -3.01 31.37
N ASP C 145 -10.82 -4.34 31.27
CA ASP C 145 -9.71 -5.19 31.69
C ASP C 145 -8.61 -5.36 30.62
N ALA C 146 -8.75 -4.64 29.50
CA ALA C 146 -7.82 -4.71 28.38
C ALA C 146 -6.40 -4.22 28.66
N THR C 147 -5.42 -5.05 28.31
CA THR C 147 -4.00 -4.75 28.49
C THR C 147 -3.16 -5.21 27.30
N THR C 148 -2.00 -4.58 27.12
CA THR C 148 -1.09 -4.91 26.02
C THR C 148 0.29 -5.29 26.56
N GLY C 149 1.20 -5.69 25.68
CA GLY C 149 2.55 -6.05 26.09
C GLY C 149 2.73 -7.49 26.55
N THR C 150 1.66 -8.11 27.03
CA THR C 150 1.71 -9.48 27.51
C THR C 150 2.20 -10.43 26.41
N ASP C 151 3.50 -10.67 26.39
CA ASP C 151 4.12 -11.55 25.39
C ASP C 151 4.04 -10.97 23.98
N GLY C 152 3.78 -9.67 23.90
CA GLY C 152 3.69 -9.02 22.60
C GLY C 152 2.27 -9.04 22.06
N ASN C 153 1.33 -9.55 22.85
CA ASN C 153 -0.05 -9.60 22.39
C ASN C 153 -0.91 -8.58 23.09
N LEU C 154 -2.18 -8.54 22.67
CA LEU C 154 -3.16 -7.67 23.26
C LEU C 154 -4.17 -8.59 23.96
N GLU C 155 -4.28 -8.43 25.28
CA GLU C 155 -5.23 -9.22 26.06
C GLU C 155 -6.49 -8.34 26.22
N LEU C 156 -7.60 -8.77 25.62
CA LEU C 156 -8.81 -7.99 25.71
C LEU C 156 -9.46 -8.12 27.10
N THR C 157 -9.56 -9.35 27.59
CA THR C 157 -10.14 -9.62 28.91
C THR C 157 -9.10 -10.17 29.88
N ARG C 158 -9.32 -9.94 31.17
CA ARG C 158 -8.41 -10.35 32.24
C ARG C 158 -8.06 -11.84 32.35
N VAL C 159 -6.76 -12.10 32.50
CA VAL C 159 -6.18 -13.43 32.66
C VAL C 159 -5.29 -13.45 33.91
N SER C 160 -4.75 -14.63 34.24
CA SER C 160 -3.89 -14.77 35.41
C SER C 160 -2.43 -14.83 35.01
N SER C 161 -1.56 -15.02 35.98
CA SER C 161 -0.12 -15.11 35.75
C SER C 161 0.26 -16.42 35.01
N ASN C 162 -0.34 -17.53 35.42
CA ASN C 162 -0.04 -18.82 34.77
C ASN C 162 -0.77 -18.87 33.44
N GLY C 163 -1.64 -17.89 33.20
CA GLY C 163 -2.38 -17.83 31.96
C GLY C 163 -3.88 -17.85 32.12
N SER C 164 -4.37 -18.67 33.04
CA SER C 164 -5.82 -18.83 33.26
C SER C 164 -6.69 -17.56 33.18
N PRO C 165 -7.77 -17.62 32.38
CA PRO C 165 -8.71 -16.51 32.19
C PRO C 165 -9.64 -16.31 33.38
N GLN C 166 -10.12 -15.09 33.55
CA GLN C 166 -11.05 -14.78 34.62
C GLN C 166 -12.45 -14.54 34.04
N GLY C 167 -13.47 -14.86 34.81
CA GLY C 167 -14.83 -14.63 34.36
C GLY C 167 -15.26 -13.21 34.65
N SER C 168 -16.50 -12.90 34.31
CA SER C 168 -17.09 -11.57 34.51
C SER C 168 -16.17 -10.39 34.24
N SER C 169 -15.40 -10.53 33.16
CA SER C 169 -14.45 -9.53 32.68
C SER C 169 -14.92 -8.97 31.32
N VAL C 170 -14.49 -7.76 31.04
CA VAL C 170 -14.81 -7.11 29.78
C VAL C 170 -13.68 -6.12 29.46
N GLY C 171 -13.22 -6.12 28.21
CA GLY C 171 -12.16 -5.22 27.81
C GLY C 171 -12.31 -4.79 26.37
N ARG C 172 -11.73 -3.65 26.00
CA ARG C 172 -11.81 -3.13 24.63
C ARG C 172 -10.57 -2.32 24.29
N ALA C 173 -10.25 -2.23 22.99
CA ALA C 173 -9.10 -1.48 22.53
C ALA C 173 -9.57 -0.79 21.26
N LEU C 174 -9.34 0.52 21.15
CA LEU C 174 -9.74 1.29 19.98
C LEU C 174 -8.56 2.07 19.43
N PHE C 175 -8.50 2.26 18.11
CA PHE C 175 -7.40 3.02 17.52
C PHE C 175 -7.59 4.48 17.90
N TYR C 176 -6.49 5.15 18.21
CA TYR C 176 -6.52 6.52 18.63
C TYR C 176 -7.18 7.54 17.68
N ALA C 177 -6.75 7.60 16.43
CA ALA C 177 -7.33 8.56 15.49
C ALA C 177 -8.74 8.20 15.04
N PRO C 178 -9.63 9.20 14.97
CA PRO C 178 -11.02 9.03 14.53
C PRO C 178 -11.01 8.73 13.03
N VAL C 179 -11.84 7.79 12.57
CA VAL C 179 -11.93 7.42 11.16
C VAL C 179 -13.11 8.17 10.44
N HIS C 180 -12.86 8.65 9.21
CA HIS C 180 -13.89 9.35 8.41
C HIS C 180 -14.47 8.25 7.55
N ILE C 181 -15.54 7.65 8.02
CA ILE C 181 -16.16 6.52 7.36
C ILE C 181 -16.95 6.82 6.07
N TRP C 182 -17.45 8.04 5.91
CA TRP C 182 -18.17 8.40 4.71
C TRP C 182 -18.32 9.91 4.61
N GLU C 183 -18.89 10.40 3.53
CA GLU C 183 -19.08 11.84 3.36
C GLU C 183 -20.06 12.11 2.23
N SER C 184 -20.37 13.38 2.02
CA SER C 184 -21.31 13.78 0.97
C SER C 184 -20.83 13.39 -0.44
N SER C 185 -19.76 14.05 -0.89
CA SER C 185 -19.23 13.83 -2.23
C SER C 185 -18.52 12.51 -2.48
N ALA C 186 -18.76 11.52 -1.63
CA ALA C 186 -18.12 10.23 -1.79
C ALA C 186 -18.72 9.44 -2.95
N VAL C 187 -17.86 8.92 -3.80
CA VAL C 187 -18.27 8.10 -4.94
C VAL C 187 -18.22 6.67 -4.43
N VAL C 188 -17.23 6.40 -3.61
CA VAL C 188 -17.06 5.07 -3.04
C VAL C 188 -16.23 5.07 -1.75
N ALA C 189 -16.81 4.50 -0.71
CA ALA C 189 -16.15 4.37 0.57
C ALA C 189 -16.05 2.85 0.79
N SER C 190 -15.03 2.44 1.53
CA SER C 190 -14.83 1.02 1.79
C SER C 190 -13.74 0.86 2.83
N PHE C 191 -13.83 -0.20 3.61
CA PHE C 191 -12.82 -0.49 4.63
C PHE C 191 -12.63 -2.00 4.65
N GLU C 192 -11.50 -2.43 5.19
CA GLU C 192 -11.19 -3.84 5.28
C GLU C 192 -10.45 -3.96 6.60
N ALA C 193 -10.68 -5.05 7.33
CA ALA C 193 -10.04 -5.30 8.62
C ALA C 193 -9.59 -6.73 8.76
N THR C 194 -8.47 -6.93 9.44
CA THR C 194 -7.96 -8.28 9.68
C THR C 194 -7.34 -8.41 11.06
N PHE C 195 -7.67 -9.49 11.75
CA PHE C 195 -7.10 -9.78 13.07
C PHE C 195 -6.98 -11.30 13.28
N THR C 196 -5.89 -11.70 13.94
CA THR C 196 -5.63 -13.10 14.27
C THR C 196 -5.83 -13.19 15.78
N PHE C 197 -6.51 -14.24 16.21
CA PHE C 197 -6.83 -14.39 17.62
C PHE C 197 -6.58 -15.77 18.17
N LEU C 198 -6.46 -15.88 19.49
CA LEU C 198 -6.23 -17.15 20.20
C LEU C 198 -7.26 -17.26 21.34
N ILE C 199 -8.06 -18.31 21.29
CA ILE C 199 -9.09 -18.54 22.28
C ILE C 199 -8.98 -19.93 22.89
N LYS C 200 -8.75 -19.98 24.20
CA LYS C 200 -8.66 -21.26 24.87
C LYS C 200 -9.25 -21.16 26.28
N SER C 201 -9.91 -22.24 26.70
CA SER C 201 -10.54 -22.29 28.02
C SER C 201 -10.36 -23.63 28.71
N PRO C 202 -10.30 -23.61 30.05
CA PRO C 202 -10.15 -24.83 30.87
C PRO C 202 -11.45 -25.63 30.86
N ASP C 203 -12.56 -24.92 30.99
CA ASP C 203 -13.88 -25.54 30.96
C ASP C 203 -14.24 -25.92 29.52
N SER C 204 -14.95 -27.03 29.35
CA SER C 204 -15.36 -27.48 28.02
C SER C 204 -16.54 -26.70 27.47
N HIS C 205 -16.61 -25.42 27.84
CA HIS C 205 -17.66 -24.51 27.40
C HIS C 205 -17.13 -23.09 27.57
N PRO C 206 -16.39 -22.58 26.56
CA PRO C 206 -15.81 -21.23 26.57
C PRO C 206 -16.86 -20.14 26.42
N ALA C 207 -16.49 -18.90 26.68
CA ALA C 207 -17.39 -17.77 26.57
C ALA C 207 -16.62 -16.51 26.89
N ASP C 208 -17.08 -15.34 26.44
CA ASP C 208 -18.30 -15.20 25.65
C ASP C 208 -18.03 -15.01 24.16
N GLY C 209 -16.98 -14.26 23.84
CA GLY C 209 -16.61 -14.05 22.45
C GLY C 209 -15.92 -12.75 22.16
N ILE C 210 -15.29 -12.66 20.99
CA ILE C 210 -14.58 -11.47 20.56
C ILE C 210 -15.48 -10.78 19.53
N ALA C 211 -15.22 -9.50 19.26
CA ALA C 211 -16.00 -8.78 18.26
C ALA C 211 -15.24 -7.57 17.71
N PHE C 212 -15.41 -7.31 16.41
CA PHE C 212 -14.78 -6.15 15.77
C PHE C 212 -15.96 -5.18 15.70
N PHE C 213 -15.73 -3.92 16.05
CA PHE C 213 -16.80 -2.93 16.05
C PHE C 213 -16.43 -1.50 15.60
N ILE C 214 -17.44 -0.78 15.12
CA ILE C 214 -17.27 0.59 14.67
C ILE C 214 -18.28 1.33 15.57
N SER C 215 -17.85 2.44 16.15
CA SER C 215 -18.72 3.21 17.04
C SER C 215 -18.38 4.69 16.96
N ASN C 216 -19.16 5.50 17.68
CA ASN C 216 -18.92 6.94 17.69
C ASN C 216 -17.72 7.28 18.54
N ILE C 217 -16.99 8.31 18.12
CA ILE C 217 -15.78 8.79 18.79
C ILE C 217 -15.75 8.54 20.30
N ASP C 218 -16.79 9.02 20.97
CA ASP C 218 -16.97 8.94 22.43
C ASP C 218 -17.77 7.71 22.88
N SER C 219 -17.14 6.55 22.87
CA SER C 219 -17.82 5.33 23.25
C SER C 219 -17.05 4.59 24.33
N SER C 220 -17.78 4.10 25.33
CA SER C 220 -17.16 3.39 26.43
C SER C 220 -17.99 2.17 26.79
N ILE C 221 -17.44 1.29 27.60
CA ILE C 221 -18.15 0.08 27.97
C ILE C 221 -19.46 0.36 28.70
N PRO C 222 -20.57 -0.21 28.20
CA PRO C 222 -21.89 -0.04 28.80
C PRO C 222 -21.87 -0.68 30.19
N SER C 223 -22.75 -0.21 31.07
CA SER C 223 -22.84 -0.74 32.42
C SER C 223 -23.40 -2.15 32.37
N GLY C 224 -22.76 -3.04 33.12
CA GLY C 224 -23.19 -4.42 33.19
C GLY C 224 -23.24 -5.09 31.83
N SER C 225 -22.20 -4.86 31.03
CA SER C 225 -22.13 -5.45 29.69
C SER C 225 -21.14 -6.59 29.58
N THR C 226 -20.97 -7.37 30.65
CA THR C 226 -20.09 -8.52 30.59
C THR C 226 -20.94 -9.67 30.03
N GLY C 227 -20.42 -10.89 30.03
CA GLY C 227 -21.19 -12.00 29.52
C GLY C 227 -21.77 -11.85 28.11
N ARG C 228 -22.99 -12.36 27.92
CA ARG C 228 -23.72 -12.33 26.65
C ARG C 228 -23.72 -11.02 25.85
N LEU C 229 -23.45 -9.89 26.48
CA LEU C 229 -23.47 -8.60 25.81
C LEU C 229 -22.13 -8.10 25.22
N LEU C 230 -21.13 -8.97 25.23
CA LEU C 230 -19.80 -8.70 24.66
C LEU C 230 -19.19 -7.30 24.84
N GLY C 231 -19.50 -6.63 25.94
CA GLY C 231 -18.93 -5.32 26.18
C GLY C 231 -19.36 -4.28 25.17
N LEU C 232 -20.38 -4.58 24.39
CA LEU C 232 -20.81 -3.64 23.36
C LEU C 232 -22.19 -3.04 23.56
N PHE C 233 -23.10 -3.85 24.07
CA PHE C 233 -24.48 -3.41 24.28
C PHE C 233 -24.92 -3.25 25.73
N PRO C 234 -25.77 -2.25 26.01
CA PRO C 234 -26.30 -1.93 27.33
C PRO C 234 -27.39 -2.90 27.81
N ASP C 235 -28.08 -3.53 26.88
CA ASP C 235 -29.13 -4.49 27.19
C ASP C 235 -29.24 -5.50 26.05
N ALA C 236 -30.07 -6.54 26.22
CA ALA C 236 -30.20 -7.57 25.20
C ALA C 236 -31.46 -7.45 24.35
N ASN C 237 -31.75 -6.24 23.89
CA ASN C 237 -32.93 -6.04 23.06
C ASN C 237 -32.51 -5.87 21.60
N ALA D 1 12.73 22.63 26.20
CA ALA D 1 11.30 22.67 25.81
C ALA D 1 10.99 21.42 24.99
N ASP D 2 10.14 21.54 23.98
CA ASP D 2 9.80 20.39 23.14
C ASP D 2 11.04 20.05 22.31
N THR D 3 11.09 18.83 21.81
CA THR D 3 12.20 18.38 20.99
C THR D 3 11.78 18.36 19.52
N ILE D 4 12.51 19.10 18.68
CA ILE D 4 12.18 19.21 17.27
C ILE D 4 13.22 18.71 16.26
N VAL D 5 12.73 18.13 15.18
CA VAL D 5 13.53 17.66 14.06
C VAL D 5 12.65 18.05 12.88
N ALA D 6 13.07 19.08 12.15
CA ALA D 6 12.27 19.56 11.05
C ALA D 6 13.01 19.83 9.73
N VAL D 7 12.27 19.81 8.63
CA VAL D 7 12.86 20.13 7.34
C VAL D 7 12.12 21.41 6.94
N GLU D 8 12.86 22.51 6.90
CA GLU D 8 12.29 23.81 6.57
C GLU D 8 12.43 24.27 5.13
N LEU D 9 11.38 24.95 4.67
CA LEU D 9 11.30 25.55 3.35
C LEU D 9 11.30 27.03 3.75
N ASP D 10 12.50 27.62 3.85
CA ASP D 10 12.67 28.99 4.30
C ASP D 10 12.66 30.06 3.21
N THR D 11 11.59 30.82 3.16
CA THR D 11 11.46 31.86 2.16
C THR D 11 12.18 33.17 2.47
N TYR D 12 12.42 33.45 3.75
CA TYR D 12 13.07 34.71 4.13
C TYR D 12 14.42 34.52 4.79
N PRO D 13 15.46 35.14 4.19
CA PRO D 13 16.84 35.08 4.67
C PRO D 13 17.13 35.98 5.86
N ASN D 14 17.10 35.42 7.06
CA ASN D 14 17.40 36.17 8.29
C ASN D 14 18.88 35.94 8.60
N THR D 15 19.75 36.58 7.83
CA THR D 15 21.21 36.41 7.97
C THR D 15 21.76 36.60 9.38
N ASP D 16 21.19 37.54 10.12
CA ASP D 16 21.63 37.80 11.49
C ASP D 16 21.61 36.55 12.40
N ILE D 17 20.88 35.51 12.01
CA ILE D 17 20.85 34.28 12.81
C ILE D 17 21.31 33.04 12.05
N GLY D 18 21.72 33.21 10.80
CA GLY D 18 22.22 32.07 10.05
C GLY D 18 21.69 31.81 8.66
N ASP D 19 20.52 32.36 8.35
CA ASP D 19 19.92 32.12 7.04
C ASP D 19 20.80 32.60 5.91
N PRO D 20 21.00 31.75 4.89
CA PRO D 20 21.83 32.15 3.75
C PRO D 20 21.09 33.31 3.06
N SER D 21 21.82 34.12 2.30
CA SER D 21 21.23 35.27 1.63
C SER D 21 20.27 34.97 0.47
N TYR D 22 19.47 33.92 0.61
CA TYR D 22 18.52 33.52 -0.43
C TYR D 22 17.58 32.47 0.17
N PRO D 23 16.39 32.27 -0.45
CA PRO D 23 15.47 31.26 0.08
C PRO D 23 16.17 29.91 0.02
N HIS D 24 15.77 29.00 0.90
CA HIS D 24 16.43 27.71 0.95
C HIS D 24 15.61 26.60 1.61
N ILE D 25 16.12 25.38 1.44
CA ILE D 25 15.55 24.21 2.09
C ILE D 25 16.65 23.89 3.10
N GLY D 26 16.26 23.60 4.34
CA GLY D 26 17.24 23.29 5.36
C GLY D 26 16.76 22.20 6.27
N ILE D 27 17.70 21.58 6.98
CA ILE D 27 17.38 20.50 7.91
C ILE D 27 17.72 20.99 9.32
N ASP D 28 16.68 21.17 10.14
CA ASP D 28 16.82 21.66 11.52
C ASP D 28 16.79 20.56 12.55
N ILE D 29 17.72 20.58 13.50
CA ILE D 29 17.72 19.57 14.57
C ILE D 29 17.86 20.24 15.93
N LYS D 30 16.71 20.47 16.55
CA LYS D 30 16.61 21.12 17.85
C LYS D 30 17.16 22.53 17.81
N SER D 31 17.05 23.19 16.66
CA SER D 31 17.55 24.55 16.50
C SER D 31 17.09 25.16 15.18
N VAL D 32 16.92 26.48 15.19
CA VAL D 32 16.50 27.18 13.98
C VAL D 32 17.67 27.36 13.00
N ARG D 33 18.89 27.15 13.50
CA ARG D 33 20.08 27.24 12.66
C ARG D 33 20.27 25.88 12.00
N SER D 34 19.82 25.76 10.76
CA SER D 34 19.90 24.51 10.01
C SER D 34 21.27 23.85 10.04
N LYS D 35 21.31 22.54 10.23
CA LYS D 35 22.57 21.81 10.24
C LYS D 35 23.12 21.73 8.83
N LYS D 36 22.22 21.81 7.85
CA LYS D 36 22.56 21.77 6.43
C LYS D 36 21.46 22.50 5.69
N THR D 37 21.81 23.06 4.54
CA THR D 37 20.86 23.78 3.68
C THR D 37 21.23 23.60 2.21
N ALA D 38 20.42 24.17 1.33
CA ALA D 38 20.64 24.10 -0.11
C ALA D 38 19.79 25.20 -0.74
N LYS D 39 20.39 26.00 -1.61
CA LYS D 39 19.69 27.09 -2.26
C LYS D 39 18.41 26.61 -2.91
N TRP D 40 17.38 27.43 -2.82
CA TRP D 40 16.08 27.08 -3.38
C TRP D 40 15.56 28.26 -4.14
N ASN D 41 15.19 28.00 -5.39
CA ASN D 41 14.66 29.05 -6.24
C ASN D 41 13.15 29.03 -6.09
N MET D 42 12.64 29.51 -4.96
CA MET D 42 11.20 29.51 -4.74
C MET D 42 10.47 30.22 -5.89
N GLN D 43 9.29 29.74 -6.22
CA GLN D 43 8.51 30.29 -7.31
C GLN D 43 7.17 30.81 -6.87
N ASN D 44 7.16 32.07 -6.43
CA ASN D 44 5.96 32.72 -5.95
C ASN D 44 4.77 32.42 -6.85
N GLY D 45 3.70 31.89 -6.26
CA GLY D 45 2.51 31.61 -7.02
C GLY D 45 2.16 30.19 -7.43
N LYS D 46 3.14 29.42 -7.89
CA LYS D 46 2.88 28.04 -8.34
C LYS D 46 2.99 26.90 -7.34
N VAL D 47 2.23 25.84 -7.58
CA VAL D 47 2.21 24.65 -6.72
C VAL D 47 3.52 23.88 -6.69
N GLY D 48 3.96 23.51 -5.50
CA GLY D 48 5.20 22.75 -5.36
C GLY D 48 5.00 21.44 -4.63
N THR D 49 6.06 20.66 -4.50
CA THR D 49 6.01 19.39 -3.81
C THR D 49 7.31 19.15 -3.09
N ALA D 50 7.20 18.73 -1.83
CA ALA D 50 8.36 18.42 -1.01
C ALA D 50 8.22 16.93 -0.74
N HIS D 51 9.34 16.25 -0.62
CA HIS D 51 9.32 14.82 -0.32
C HIS D 51 10.44 14.54 0.66
N ILE D 52 10.07 14.21 1.90
CA ILE D 52 11.08 13.89 2.92
C ILE D 52 11.25 12.37 2.94
N ILE D 53 12.46 11.89 3.18
CA ILE D 53 12.73 10.45 3.23
C ILE D 53 13.76 10.15 4.33
N TYR D 54 13.64 9.01 5.01
CA TYR D 54 14.58 8.62 6.07
C TYR D 54 14.50 7.13 6.39
N ASN D 55 15.64 6.51 6.69
CA ASN D 55 15.65 5.09 7.07
C ASN D 55 16.81 4.85 8.03
N SER D 56 16.69 3.85 8.88
CA SER D 56 17.74 3.56 9.87
C SER D 56 18.97 2.81 9.35
N VAL D 57 18.89 2.27 8.13
CA VAL D 57 20.03 1.54 7.61
C VAL D 57 21.17 2.51 7.36
N ASP D 58 20.93 3.55 6.56
CA ASP D 58 21.98 4.54 6.29
C ASP D 58 21.86 5.83 7.11
N LYS D 59 20.90 5.84 8.04
CA LYS D 59 20.67 6.99 8.93
C LYS D 59 20.86 8.34 8.27
N ARG D 60 20.17 8.54 7.16
CA ARG D 60 20.27 9.78 6.40
C ARG D 60 18.90 10.40 6.10
N LEU D 61 18.69 11.62 6.58
CA LEU D 61 17.43 12.35 6.36
C LEU D 61 17.62 13.20 5.10
N SER D 62 16.81 12.96 4.08
CA SER D 62 16.93 13.68 2.83
C SER D 62 15.62 14.31 2.43
N ALA D 63 15.70 15.36 1.61
CA ALA D 63 14.50 16.05 1.14
C ALA D 63 14.70 16.61 -0.27
N VAL D 64 13.60 16.74 -1.00
CA VAL D 64 13.62 17.27 -2.37
C VAL D 64 12.41 18.17 -2.54
N VAL D 65 12.62 19.37 -3.07
CA VAL D 65 11.52 20.28 -3.33
C VAL D 65 11.55 20.59 -4.81
N SER D 66 10.41 20.52 -5.48
CA SER D 66 10.36 20.78 -6.91
C SER D 66 9.05 21.39 -7.39
N TYR D 67 9.11 21.96 -8.60
CA TYR D 67 7.95 22.54 -9.28
C TYR D 67 8.01 21.88 -10.65
N PRO D 68 6.88 21.81 -11.37
CA PRO D 68 6.88 21.19 -12.68
C PRO D 68 7.87 21.90 -13.59
N ASN D 69 8.55 21.14 -14.43
CA ASN D 69 9.56 21.67 -15.35
C ASN D 69 10.40 22.81 -14.77
N ALA D 70 11.06 22.52 -13.65
CA ALA D 70 11.90 23.48 -12.97
C ALA D 70 12.90 22.81 -12.03
N ASP D 71 13.85 23.61 -11.55
CA ASP D 71 14.90 23.12 -10.66
C ASP D 71 14.37 22.54 -9.34
N SER D 72 14.86 21.35 -9.00
CA SER D 72 14.48 20.71 -7.75
C SER D 72 15.66 20.82 -6.81
N ALA D 73 15.44 21.42 -5.63
CA ALA D 73 16.50 21.57 -4.65
C ALA D 73 16.57 20.27 -3.84
N THR D 74 17.75 19.90 -3.39
CA THR D 74 17.94 18.67 -2.63
C THR D 74 18.80 18.89 -1.41
N VAL D 75 18.51 18.18 -0.32
CA VAL D 75 19.31 18.30 0.89
C VAL D 75 19.32 16.94 1.60
N SER D 76 20.46 16.59 2.16
CA SER D 76 20.60 15.33 2.85
C SER D 76 21.50 15.58 4.05
N TYR D 77 21.39 14.74 5.06
CA TYR D 77 22.19 14.91 6.27
C TYR D 77 22.15 13.60 7.05
N ASP D 78 23.31 13.15 7.53
CA ASP D 78 23.38 11.92 8.28
C ASP D 78 23.03 12.20 9.73
N VAL D 79 21.97 11.56 10.22
CA VAL D 79 21.52 11.76 11.60
C VAL D 79 20.75 10.53 12.12
N ASP D 80 21.10 10.10 13.33
CA ASP D 80 20.42 8.97 13.95
C ASP D 80 19.30 9.48 14.86
N LEU D 81 18.11 9.63 14.28
CA LEU D 81 16.94 10.13 14.99
C LEU D 81 16.66 9.39 16.29
N ASP D 82 16.98 8.10 16.33
CA ASP D 82 16.74 7.30 17.52
C ASP D 82 17.53 7.81 18.71
N ASN D 83 18.57 8.59 18.45
CA ASN D 83 19.38 9.16 19.52
C ASN D 83 19.05 10.65 19.72
N VAL D 84 17.86 11.06 19.29
CA VAL D 84 17.44 12.45 19.39
C VAL D 84 15.97 12.63 19.75
N LEU D 85 15.13 11.67 19.37
CA LEU D 85 13.70 11.76 19.65
C LEU D 85 13.19 10.61 20.50
N PRO D 86 11.99 10.78 21.09
CA PRO D 86 11.40 9.72 21.91
C PRO D 86 10.96 8.62 20.95
N GLU D 87 10.55 7.47 21.46
CA GLU D 87 10.08 6.36 20.61
C GLU D 87 8.73 6.70 20.00
N TRP D 88 7.97 7.53 20.73
CA TRP D 88 6.66 7.96 20.29
C TRP D 88 6.71 9.45 20.09
N VAL D 89 6.19 9.91 18.95
CA VAL D 89 6.20 11.34 18.62
C VAL D 89 4.91 11.67 17.89
N ARG D 90 4.85 12.88 17.33
CA ARG D 90 3.72 13.34 16.53
C ARG D 90 4.34 14.09 15.37
N VAL D 91 3.80 13.89 14.18
CA VAL D 91 4.30 14.55 12.97
C VAL D 91 3.27 15.59 12.46
N GLY D 92 3.77 16.73 12.02
CA GLY D 92 2.86 17.76 11.54
C GLY D 92 3.53 18.76 10.63
N LEU D 93 2.74 19.74 10.20
CA LEU D 93 3.19 20.82 9.32
C LEU D 93 3.12 22.12 10.13
N SER D 94 3.90 23.11 9.73
CA SER D 94 3.91 24.39 10.44
C SER D 94 4.35 25.50 9.51
N ALA D 95 3.77 26.68 9.68
CA ALA D 95 4.11 27.82 8.86
C ALA D 95 3.92 29.09 9.70
N SER D 96 4.42 30.22 9.20
CA SER D 96 4.31 31.48 9.93
C SER D 96 4.61 32.70 9.05
N THR D 97 4.29 33.88 9.59
CA THR D 97 4.53 35.14 8.92
C THR D 97 4.99 36.17 9.96
N GLY D 98 5.38 37.35 9.49
CA GLY D 98 5.82 38.40 10.37
C GLY D 98 5.57 39.72 9.66
N LEU D 99 6.55 40.62 9.70
CA LEU D 99 6.41 41.92 9.03
C LEU D 99 6.03 41.72 7.56
N TYR D 100 6.59 40.69 6.93
CA TYR D 100 6.28 40.36 5.54
C TYR D 100 5.46 39.08 5.66
N LYS D 101 4.55 38.86 4.72
CA LYS D 101 3.70 37.66 4.74
C LYS D 101 3.56 36.91 3.39
N GLU D 102 2.86 35.77 3.42
CA GLU D 102 2.66 34.93 2.25
C GLU D 102 1.53 33.98 2.57
N THR D 103 1.08 33.21 1.59
CA THR D 103 0.04 32.21 1.82
C THR D 103 0.80 30.90 2.07
N ASN D 104 0.41 30.17 3.11
CA ASN D 104 1.05 28.89 3.42
C ASN D 104 -0.01 27.81 3.29
N THR D 105 -0.41 27.57 2.04
CA THR D 105 -1.46 26.62 1.71
C THR D 105 -0.98 25.20 1.43
N ILE D 106 -1.56 24.23 2.14
CA ILE D 106 -1.20 22.84 1.92
C ILE D 106 -2.40 22.30 1.17
N LEU D 107 -2.16 21.76 -0.01
CA LEU D 107 -3.24 21.21 -0.82
C LEU D 107 -3.40 19.71 -0.58
N SER D 108 -2.33 19.05 -0.16
CA SER D 108 -2.38 17.62 0.13
C SER D 108 -1.23 17.23 1.05
N TRP D 109 -1.38 16.11 1.77
CA TRP D 109 -0.35 15.64 2.68
C TRP D 109 -0.45 14.13 2.86
N SER D 110 0.70 13.45 2.86
CA SER D 110 0.72 12.01 3.05
C SER D 110 1.96 11.63 3.87
N PHE D 111 1.85 10.55 4.62
CA PHE D 111 2.93 10.08 5.49
C PHE D 111 2.86 8.57 5.55
N THR D 112 3.96 7.94 5.94
CA THR D 112 4.05 6.50 6.06
C THR D 112 5.26 6.18 6.93
N SER D 113 5.07 5.28 7.90
CA SER D 113 6.19 4.88 8.74
C SER D 113 6.08 3.38 8.90
N LYS D 114 7.22 2.71 8.89
CA LYS D 114 7.26 1.27 9.04
C LYS D 114 8.35 0.85 10.02
N LEU D 115 8.01 -0.09 10.89
CA LEU D 115 8.97 -0.61 11.87
C LEU D 115 9.08 -2.09 11.56
N LYS D 116 10.19 -2.49 10.96
CA LYS D 116 10.44 -3.87 10.60
C LYS D 116 11.23 -4.45 11.76
N SER D 117 10.90 -5.66 12.17
CA SER D 117 11.63 -6.29 13.28
C SER D 117 12.48 -7.49 12.89
N ASN D 118 13.42 -7.84 13.77
CA ASN D 118 14.33 -8.96 13.60
C ASN D 118 13.51 -10.23 13.51
N SER D 119 12.40 -10.25 14.24
CA SER D 119 11.48 -11.37 14.26
C SER D 119 10.73 -11.24 12.94
N THR D 120 10.98 -12.20 12.05
CA THR D 120 10.38 -12.17 10.72
C THR D 120 8.87 -12.12 10.63
N HIS D 121 8.42 -11.37 9.61
CA HIS D 121 7.01 -11.17 9.31
C HIS D 121 6.26 -10.43 10.42
N GLU D 122 7.01 -9.67 11.23
CA GLU D 122 6.42 -8.91 12.31
C GLU D 122 6.65 -7.40 12.14
N THR D 123 6.05 -6.82 11.10
CA THR D 123 6.18 -5.40 10.80
C THR D 123 4.99 -4.60 11.32
N ASN D 124 5.19 -3.33 11.63
CA ASN D 124 4.12 -2.48 12.11
C ASN D 124 4.15 -1.23 11.27
N ALA D 125 2.98 -0.66 10.96
CA ALA D 125 2.93 0.53 10.10
C ALA D 125 1.72 1.46 10.22
N LEU D 126 1.94 2.73 9.94
CA LEU D 126 0.91 3.74 9.94
C LEU D 126 1.04 4.53 8.64
N HIS D 127 -0.07 4.76 7.95
CA HIS D 127 -0.07 5.52 6.70
C HIS D 127 -1.37 6.28 6.54
N PHE D 128 -1.28 7.58 6.31
CA PHE D 128 -2.47 8.38 6.09
C PHE D 128 -2.21 9.21 4.86
N MET D 129 -3.28 9.68 4.23
CA MET D 129 -3.17 10.48 3.01
C MET D 129 -4.39 11.40 2.93
N PHE D 130 -4.13 12.69 2.77
CA PHE D 130 -5.18 13.68 2.67
C PHE D 130 -5.10 14.35 1.31
N ASN D 131 -6.13 14.15 0.48
CA ASN D 131 -6.15 14.77 -0.84
C ASN D 131 -7.21 15.87 -0.88
N GLN D 132 -7.98 15.97 0.18
CA GLN D 132 -9.02 16.97 0.27
C GLN D 132 -9.21 17.18 1.76
N PHE D 133 -9.03 18.41 2.22
CA PHE D 133 -9.22 18.72 3.62
C PHE D 133 -10.66 19.17 3.83
N SER D 134 -11.24 18.76 4.96
CA SER D 134 -12.62 19.09 5.29
C SER D 134 -12.71 20.19 6.32
N LYS D 135 -13.88 20.82 6.41
CA LYS D 135 -14.13 21.92 7.33
C LYS D 135 -14.08 21.50 8.79
N ASP D 136 -14.26 20.21 9.04
CA ASP D 136 -14.24 19.68 10.40
C ASP D 136 -13.35 18.44 10.38
N GLN D 137 -12.06 18.64 10.11
CA GLN D 137 -11.12 17.54 10.02
C GLN D 137 -10.75 17.02 11.41
N LYS D 138 -11.53 16.05 11.89
CA LYS D 138 -11.32 15.49 13.21
C LYS D 138 -10.00 14.77 13.50
N ASP D 139 -9.32 14.26 12.48
CA ASP D 139 -8.05 13.57 12.72
C ASP D 139 -6.83 14.48 12.71
N LEU D 140 -7.07 15.78 12.72
CA LEU D 140 -5.98 16.76 12.76
C LEU D 140 -6.12 17.63 14.00
N ILE D 141 -5.01 17.79 14.73
CA ILE D 141 -4.99 18.63 15.91
C ILE D 141 -4.53 19.95 15.31
N LEU D 142 -5.45 20.90 15.19
CA LEU D 142 -5.10 22.21 14.62
C LEU D 142 -4.70 23.20 15.68
N GLN D 143 -3.54 23.82 15.51
CA GLN D 143 -3.06 24.78 16.48
C GLN D 143 -2.79 26.14 15.84
N GLY D 144 -2.68 27.17 16.67
CA GLY D 144 -2.43 28.52 16.19
C GLY D 144 -3.54 29.13 15.35
N ASP D 145 -3.21 29.47 14.10
CA ASP D 145 -4.14 30.08 13.16
C ASP D 145 -4.56 29.12 12.06
N ALA D 146 -4.03 27.90 12.13
CA ALA D 146 -4.34 26.86 11.15
C ALA D 146 -5.84 26.61 11.07
N THR D 147 -6.33 26.41 9.84
CA THR D 147 -7.74 26.13 9.60
C THR D 147 -7.84 25.32 8.34
N THR D 148 -8.90 24.53 8.22
CA THR D 148 -9.11 23.70 7.04
C THR D 148 -10.39 24.10 6.29
N GLY D 149 -10.77 23.34 5.28
CA GLY D 149 -12.00 23.63 4.56
C GLY D 149 -12.00 24.64 3.43
N THR D 150 -11.21 25.70 3.54
CA THR D 150 -11.16 26.73 2.50
C THR D 150 -10.80 26.16 1.13
N ASP D 151 -11.81 25.97 0.29
CA ASP D 151 -11.61 25.42 -1.04
C ASP D 151 -11.05 24.00 -0.96
N GLY D 152 -11.18 23.38 0.21
CA GLY D 152 -10.69 22.03 0.39
C GLY D 152 -9.22 21.97 0.72
N ASN D 153 -8.61 23.12 0.99
CA ASN D 153 -7.18 23.15 1.33
C ASN D 153 -7.00 23.40 2.81
N LEU D 154 -5.76 23.31 3.28
CA LEU D 154 -5.44 23.57 4.67
C LEU D 154 -4.61 24.85 4.68
N GLU D 155 -5.12 25.85 5.40
CA GLU D 155 -4.46 27.14 5.53
C GLU D 155 -3.79 27.20 6.91
N LEU D 156 -2.46 27.08 6.92
CA LEU D 156 -1.66 27.10 8.16
C LEU D 156 -1.62 28.43 8.96
N THR D 157 -1.75 29.54 8.25
CA THR D 157 -1.74 30.88 8.85
C THR D 157 -2.95 31.64 8.31
N ARG D 158 -3.23 32.80 8.89
CA ARG D 158 -4.38 33.61 8.53
C ARG D 158 -4.39 34.32 7.18
N VAL D 159 -5.46 34.10 6.42
CA VAL D 159 -5.65 34.78 5.14
C VAL D 159 -7.03 35.45 5.25
N SER D 160 -7.17 36.64 4.69
CA SER D 160 -8.42 37.39 4.75
C SER D 160 -9.47 36.73 3.85
N SER D 161 -10.72 37.15 3.99
CA SER D 161 -11.81 36.59 3.17
C SER D 161 -11.52 36.79 1.68
N ASN D 162 -10.87 37.89 1.33
CA ASN D 162 -10.56 38.19 -0.05
C ASN D 162 -9.34 37.39 -0.53
N GLY D 163 -8.55 36.90 0.41
CA GLY D 163 -7.37 36.12 0.05
C GLY D 163 -6.04 36.69 0.49
N SER D 164 -5.99 37.98 0.81
CA SER D 164 -4.74 38.60 1.24
C SER D 164 -4.21 37.99 2.53
N PRO D 165 -2.94 37.55 2.54
CA PRO D 165 -2.36 36.95 3.75
C PRO D 165 -2.06 37.96 4.89
N GLN D 166 -2.12 37.48 6.12
CA GLN D 166 -1.87 38.32 7.29
C GLN D 166 -0.54 38.06 8.00
N GLY D 167 0.15 39.14 8.36
CA GLY D 167 1.42 39.03 9.06
C GLY D 167 1.25 38.68 10.53
N SER D 168 2.36 38.31 11.16
CA SER D 168 2.36 37.95 12.57
C SER D 168 1.37 36.84 12.93
N SER D 169 1.24 35.86 12.04
CA SER D 169 0.35 34.74 12.23
C SER D 169 1.19 33.47 12.30
N VAL D 170 0.67 32.46 13.00
CA VAL D 170 1.34 31.16 13.14
C VAL D 170 0.30 30.08 13.43
N GLY D 171 0.44 28.95 12.75
CA GLY D 171 -0.47 27.83 12.93
C GLY D 171 0.27 26.53 12.74
N ARG D 172 -0.36 25.42 13.08
CA ARG D 172 0.25 24.10 12.93
C ARG D 172 -0.85 23.08 12.65
N ALA D 173 -0.46 21.89 12.23
CA ALA D 173 -1.40 20.80 11.99
C ALA D 173 -0.60 19.57 12.36
N LEU D 174 -1.14 18.74 13.23
CA LEU D 174 -0.48 17.50 13.66
C LEU D 174 -1.47 16.36 13.52
N PHE D 175 -1.02 15.20 13.06
CA PHE D 175 -1.90 14.07 12.93
C PHE D 175 -2.32 13.69 14.36
N TYR D 176 -3.59 13.38 14.53
CA TYR D 176 -4.14 13.04 15.82
C TYR D 176 -3.46 11.91 16.59
N ALA D 177 -3.12 10.83 15.89
CA ALA D 177 -2.51 9.68 16.54
C ALA D 177 -0.99 9.72 16.65
N PRO D 178 -0.45 9.37 17.84
CA PRO D 178 1.00 9.35 18.06
C PRO D 178 1.64 8.34 17.11
N VAL D 179 2.87 8.62 16.70
CA VAL D 179 3.61 7.78 15.78
C VAL D 179 4.78 7.14 16.53
N HIS D 180 4.90 5.83 16.43
CA HIS D 180 5.95 5.08 17.09
C HIS D 180 7.19 5.15 16.19
N ILE D 181 7.94 6.24 16.29
CA ILE D 181 9.10 6.48 15.43
C ILE D 181 10.29 5.53 15.54
N TRP D 182 10.31 4.68 16.56
CA TRP D 182 11.38 3.71 16.72
C TRP D 182 11.23 2.88 17.99
N GLU D 183 11.51 1.58 17.88
CA GLU D 183 11.46 0.70 19.04
C GLU D 183 12.84 0.10 19.24
N SER D 184 13.24 -0.02 20.50
CA SER D 184 14.56 -0.52 20.88
C SER D 184 15.20 -1.68 20.10
N SER D 185 14.40 -2.59 19.53
CA SER D 185 14.94 -3.73 18.78
C SER D 185 14.40 -3.90 17.35
N ALA D 186 14.13 -2.78 16.69
CA ALA D 186 13.64 -2.81 15.32
C ALA D 186 14.85 -2.98 14.41
N VAL D 187 14.75 -3.79 13.36
CA VAL D 187 15.86 -3.96 12.43
C VAL D 187 15.90 -2.81 11.43
N VAL D 188 14.73 -2.27 11.09
CA VAL D 188 14.64 -1.15 10.17
C VAL D 188 13.49 -0.25 10.61
N ALA D 189 13.69 1.05 10.51
CA ALA D 189 12.67 2.04 10.86
C ALA D 189 12.81 3.08 9.77
N SER D 190 11.71 3.46 9.16
CA SER D 190 11.77 4.42 8.08
C SER D 190 10.45 5.11 7.83
N PHE D 191 10.53 6.36 7.44
CA PHE D 191 9.34 7.11 7.13
C PHE D 191 9.55 7.89 5.84
N GLU D 192 8.44 8.33 5.26
CA GLU D 192 8.43 9.08 4.02
C GLU D 192 7.24 10.03 4.08
N ALA D 193 7.48 11.32 3.84
CA ALA D 193 6.40 12.32 3.86
C ALA D 193 6.32 13.06 2.54
N THR D 194 5.11 13.40 2.12
CA THR D 194 4.93 14.13 0.86
C THR D 194 3.81 15.13 0.97
N PHE D 195 4.05 16.34 0.47
CA PHE D 195 3.03 17.39 0.49
C PHE D 195 3.17 18.41 -0.62
N THR D 196 2.04 18.94 -1.09
CA THR D 196 2.01 19.94 -2.14
C THR D 196 1.53 21.25 -1.53
N PHE D 197 2.18 22.35 -1.89
CA PHE D 197 1.86 23.64 -1.31
C PHE D 197 1.80 24.77 -2.33
N LEU D 198 1.16 25.86 -1.91
CA LEU D 198 1.00 27.08 -2.70
C LEU D 198 1.37 28.23 -1.75
N ILE D 199 2.43 28.95 -2.11
CA ILE D 199 2.93 30.09 -1.36
C ILE D 199 2.97 31.26 -2.34
N LYS D 200 2.19 32.29 -2.06
CA LYS D 200 2.15 33.47 -2.91
C LYS D 200 1.88 34.70 -2.09
N SER D 201 2.60 35.78 -2.40
CA SER D 201 2.45 37.05 -1.71
C SER D 201 2.18 38.14 -2.76
N PRO D 202 1.13 38.94 -2.53
CA PRO D 202 0.75 40.04 -3.44
C PRO D 202 1.70 41.23 -3.27
N ASP D 203 2.98 40.94 -3.41
CA ASP D 203 4.05 41.92 -3.27
C ASP D 203 5.33 41.09 -3.35
N SER D 204 6.43 41.72 -3.76
CA SER D 204 7.68 41.00 -3.91
C SER D 204 8.40 40.59 -2.62
N HIS D 205 7.67 40.37 -1.52
CA HIS D 205 8.34 39.99 -0.27
C HIS D 205 7.67 38.93 0.62
N PRO D 206 7.83 37.65 0.25
CA PRO D 206 7.23 36.56 1.02
C PRO D 206 8.09 36.20 2.23
N ALA D 207 7.44 35.64 3.24
CA ALA D 207 8.06 35.22 4.48
C ALA D 207 6.91 34.65 5.28
N ASP D 208 7.14 33.65 6.14
CA ASP D 208 8.48 33.24 6.54
C ASP D 208 8.88 31.82 6.10
N GLY D 209 7.90 31.00 5.77
CA GLY D 209 8.19 29.64 5.32
C GLY D 209 7.24 28.58 5.82
N ILE D 210 7.46 27.34 5.38
CA ILE D 210 6.66 26.17 5.75
C ILE D 210 7.65 25.12 6.22
N ALA D 211 7.25 24.23 7.13
CA ALA D 211 8.15 23.20 7.61
C ALA D 211 7.45 21.94 8.09
N PHE D 212 8.05 20.80 7.77
CA PHE D 212 7.54 19.50 8.19
C PHE D 212 8.29 19.23 9.48
N PHE D 213 7.56 19.00 10.58
CA PHE D 213 8.21 18.73 11.86
C PHE D 213 7.82 17.44 12.61
N ILE D 214 8.76 16.94 13.39
CA ILE D 214 8.59 15.74 14.22
C ILE D 214 8.88 16.23 15.64
N SER D 215 7.97 16.00 16.58
CA SER D 215 8.17 16.45 17.95
C SER D 215 7.55 15.52 18.96
N ASN D 216 7.70 15.89 20.23
CA ASN D 216 7.11 15.11 21.29
C ASN D 216 5.60 15.31 21.19
N ILE D 217 4.86 14.28 21.59
CA ILE D 217 3.41 14.25 21.54
C ILE D 217 2.74 15.53 22.06
N ASP D 218 3.22 16.02 23.19
CA ASP D 218 2.65 17.20 23.83
C ASP D 218 3.12 18.56 23.33
N SER D 219 3.60 18.61 22.09
CA SER D 219 4.10 19.86 21.51
C SER D 219 3.03 20.93 21.26
N SER D 220 3.34 22.14 21.67
CA SER D 220 2.44 23.28 21.47
C SER D 220 3.27 24.48 21.04
N ILE D 221 2.67 25.33 20.23
CA ILE D 221 3.34 26.51 19.72
C ILE D 221 4.03 27.30 20.82
N PRO D 222 5.36 27.50 20.71
CA PRO D 222 6.12 28.25 21.70
C PRO D 222 5.72 29.71 21.59
N SER D 223 5.79 30.45 22.69
CA SER D 223 5.39 31.85 22.63
C SER D 223 6.38 32.70 21.85
N GLY D 224 5.85 33.60 21.02
CA GLY D 224 6.67 34.50 20.22
C GLY D 224 7.45 33.81 19.11
N SER D 225 7.01 32.62 18.76
CA SER D 225 7.65 31.82 17.74
C SER D 225 7.28 32.22 16.31
N THR D 226 6.54 33.31 16.13
CA THR D 226 6.16 33.72 14.77
C THR D 226 7.37 34.14 13.93
N GLY D 227 7.10 34.60 12.72
CA GLY D 227 8.15 35.03 11.85
C GLY D 227 9.29 34.03 11.71
N ARG D 228 10.51 34.55 11.85
CA ARG D 228 11.75 33.80 11.74
C ARG D 228 11.84 32.45 12.46
N LEU D 229 11.06 32.24 13.51
CA LEU D 229 11.11 30.98 14.24
C LEU D 229 10.17 29.87 13.75
N LEU D 230 9.39 30.21 12.71
CA LEU D 230 8.46 29.29 12.05
C LEU D 230 7.46 28.51 12.90
N GLY D 231 7.24 28.96 14.12
CA GLY D 231 6.29 28.31 15.00
C GLY D 231 6.84 27.02 15.57
N LEU D 232 8.15 26.85 15.50
CA LEU D 232 8.76 25.62 16.00
C LEU D 232 9.61 25.81 17.24
N PHE D 233 10.46 26.82 17.22
CA PHE D 233 11.36 27.06 18.34
C PHE D 233 11.03 28.29 19.18
N PRO D 234 11.42 28.27 20.47
CA PRO D 234 11.20 29.37 21.42
C PRO D 234 12.21 30.48 21.24
N ASP D 235 13.26 30.21 20.48
CA ASP D 235 14.28 31.22 20.23
C ASP D 235 15.24 30.83 19.11
N ALA D 236 16.09 31.78 18.73
CA ALA D 236 17.04 31.58 17.65
C ALA D 236 18.43 31.18 18.12
N ASN D 237 18.49 30.18 18.98
CA ASN D 237 19.78 29.70 19.50
C ASN D 237 20.24 28.48 18.72
C1 PNA E . -22.58 0.50 -37.34
C2 PNA E . -21.68 -0.71 -37.19
C3 PNA E . -21.79 -1.19 -35.76
C4 PNA E . -21.33 -0.07 -34.84
C5 PNA E . -22.13 1.21 -35.10
C6 PNA E . -21.62 2.42 -34.32
C7 PNA E . -24.98 1.00 -37.21
C8 PNA E . -26.25 0.48 -37.14
C9 PNA E . -27.36 1.26 -37.36
C10 PNA E . -27.19 2.61 -37.66
C11 PNA E . -25.91 3.14 -37.74
C12 PNA E . -24.81 2.34 -37.51
N1 PNA E . -28.27 3.45 -37.89
O1 PNA E . -23.88 0.12 -36.98
O2 PNA E . -20.33 -0.36 -37.46
O3 PNA E . -20.95 -2.31 -35.59
O4 PNA E . -21.50 -0.48 -33.50
O5 PNA E . -22.10 1.54 -36.50
O6 PNA E . -20.46 3.00 -34.92
O7 PNA E . -28.10 4.61 -38.13
O8 PNA E . -29.38 2.97 -37.81
MN MN F . -23.89 -2.82 -24.36
CA CA G . -23.28 -0.63 -28.08
C1 PNA H . 35.37 -24.86 -5.65
C2 PNA H . 34.79 -24.16 -6.88
C3 PNA H . 34.52 -22.71 -6.51
C4 PNA H . 33.57 -22.64 -5.30
C5 PNA H . 34.04 -23.53 -4.14
C6 PNA H . 32.98 -23.71 -3.06
C7 PNA H . 37.33 -24.61 -4.20
C8 PNA H . 38.44 -23.83 -3.86
C9 PNA H . 39.28 -24.22 -2.84
C10 PNA H . 39.01 -25.40 -2.14
C11 PNA H . 37.91 -26.18 -2.49
C12 PNA H . 37.08 -25.77 -3.50
N1 PNA H . 39.87 -25.86 -1.15
O1 PNA H . 36.52 -24.15 -5.26
O2 PNA H . 33.57 -24.80 -7.24
O3 PNA H . 33.95 -22.02 -7.60
O4 PNA H . 33.51 -21.29 -4.85
O5 PNA H . 34.39 -24.86 -4.62
O6 PNA H . 31.92 -24.54 -3.50
O7 PNA H . 39.65 -26.90 -0.58
O8 PNA H . 40.84 -25.21 -0.87
MN MN I . 31.93 -12.39 -2.11
CA CA J . 32.37 -16.45 -2.39
C1 PNA K . -24.05 -16.40 32.43
C2 PNA K . -24.05 -14.91 32.18
C3 PNA K . -24.25 -14.67 30.70
C4 PNA K . -23.17 -15.38 29.90
C5 PNA K . -23.02 -16.86 30.31
C6 PNA K . -21.72 -17.45 29.79
C7 PNA K . -25.42 -18.36 32.02
C8 PNA K . -26.44 -18.93 31.28
C9 PNA K . -26.63 -20.31 31.30
C10 PNA K . -25.79 -21.11 32.08
C11 PNA K . -24.78 -20.53 32.82
C12 PNA K . -24.60 -19.17 32.78
N1 PNA K . -25.96 -22.47 32.13
O1 PNA K . -25.27 -16.94 32.00
O2 PNA K . -22.80 -14.36 32.56
O3 PNA K . -24.17 -13.26 30.48
O4 PNA K . -23.49 -15.30 28.53
O5 PNA K . -22.96 -17.00 31.74
O6 PNA K . -20.60 -16.81 30.40
O7 PNA K . -25.05 -23.10 31.65
O8 PNA K . -26.92 -23.01 32.60
MN MN L . -24.68 -14.25 19.12
CA CA M . -23.72 -15.66 22.99
C1 PNA N . 10.79 40.87 10.87
C2 PNA N . 10.71 39.90 12.05
C3 PNA N . 11.33 38.55 11.67
C4 PNA N . 10.71 38.01 10.38
C5 PNA N . 10.73 39.06 9.27
C6 PNA N . 9.93 38.62 8.06
C7 PNA N . 12.48 42.16 9.59
C8 PNA N . 13.82 42.45 9.34
C9 PNA N . 14.19 43.34 8.34
C10 PNA N . 13.20 43.98 7.57
C11 PNA N . 11.85 43.71 7.82
C12 PNA N . 11.50 42.81 8.82
N1 PNA N . 13.50 44.90 6.55
O1 PNA N . 12.13 41.22 10.62
O2 PNA N . 9.37 39.70 12.42
O3 PNA N . 11.11 37.62 12.72
O4 PNA N . 11.44 36.87 9.95
O5 PNA N . 10.14 40.30 9.74
O6 PNA N . 8.57 38.43 8.39
O7 PNA N . 14.40 44.77 5.77
O8 PNA N . 12.83 45.90 6.42
MN MN O . 16.50 29.07 7.29
CA CA P . 14.22 32.61 7.45
#